data_3Q8X
#
_entry.id   3Q8X
#
_cell.length_a   59.800
_cell.length_b   79.990
_cell.length_c   195.170
_cell.angle_alpha   90.00
_cell.angle_beta   90.00
_cell.angle_gamma   90.00
#
_symmetry.space_group_name_H-M   'P 21 21 21'
#
loop_
_entity.id
_entity.type
_entity.pdbx_description
1 polymer 'Antidote of epsilon-zeta postsegregational killing system'
2 polymer Zeta-toxin
3 non-polymer 'SULFATE ION'
4 non-polymer URIDINE-DIPHOSPHATE-N-ACETYLGLUCOSAMINE
#
loop_
_entity_poly.entity_id
_entity_poly.type
_entity_poly.pdbx_seq_one_letter_code
_entity_poly.pdbx_strand_id
1 'polypeptide(L)'
;MAVTYEKTFEIEIINELSASVYNRVLNYVLNHELNKNDSQLLEVNLLNQLKLAKRVNLFDYSLEELQAVHEYWRSMNRYS
KQVLNKEKVA
;
A,C
2 'polypeptide(L)'
;MANIVNFTDKQFENRLNDNLEELIQGKKAVESPTAFLLGGQPGSGKTSLRSAIFEETQGNVIVIDNDTFKQQHPNFDELV
KLYEKDVVKHVTPYSNRMTEAIISRLSDQGYNLVIEGTGRTTDVPIQTATMLQAKGYETKMYVMAVPKINSYLGTIERYE
TMYADDPMTARATPKQAHDIVVKNLPTNLETLHKTGLFSDIRLYNREGVKLYSSLETPSISPKETLEKELNRKVSGKEIQ
PTLERIEQKMVLNKHQETPEFKAIQQKLESLQPPTPPIPKTPKLPGI
;
B,D
#
loop_
_chem_comp.id
_chem_comp.type
_chem_comp.name
_chem_comp.formula
SO4 non-polymer 'SULFATE ION' 'O4 S -2'
UD1 non-polymer URIDINE-DIPHOSPHATE-N-ACETYLGLUCOSAMINE 'C17 H27 N3 O17 P2'
#
# COMPACT_ATOMS: atom_id res chain seq x y z
N VAL A 3 -25.95 8.97 -3.99
CA VAL A 3 -25.40 9.05 -5.37
C VAL A 3 -25.30 10.51 -5.85
N THR A 4 -24.18 11.17 -5.53
CA THR A 4 -23.87 12.46 -6.13
C THR A 4 -22.99 12.19 -7.31
N TYR A 5 -23.11 13.01 -8.34
CA TYR A 5 -22.26 12.88 -9.52
C TYR A 5 -20.79 13.00 -9.13
N GLU A 6 -20.52 13.88 -8.18
CA GLU A 6 -19.19 14.07 -7.63
C GLU A 6 -18.57 12.74 -7.17
N LYS A 7 -19.33 11.99 -6.36
CA LYS A 7 -18.88 10.67 -5.92
C LYS A 7 -18.85 9.69 -7.07
N THR A 8 -19.91 9.64 -7.88
CA THR A 8 -19.91 8.76 -9.05
C THR A 8 -18.64 8.97 -9.89
N PHE A 9 -18.36 10.23 -10.22
CA PHE A 9 -17.17 10.58 -10.97
C PHE A 9 -15.88 10.07 -10.35
N GLU A 10 -15.70 10.31 -9.06
CA GLU A 10 -14.50 9.85 -8.38
C GLU A 10 -14.39 8.33 -8.48
N ILE A 11 -15.53 7.65 -8.34
CA ILE A 11 -15.53 6.21 -8.47
C ILE A 11 -15.14 5.76 -9.89
N GLU A 12 -15.61 6.46 -10.91
CA GLU A 12 -15.19 6.16 -12.27
C GLU A 12 -13.68 6.23 -12.47
N ILE A 13 -13.09 7.30 -11.94
CA ILE A 13 -11.66 7.56 -12.11
C ILE A 13 -10.84 6.55 -11.30
N ILE A 14 -11.26 6.28 -10.06
CA ILE A 14 -10.63 5.26 -9.24
C ILE A 14 -10.62 3.90 -9.93
N ASN A 15 -11.77 3.49 -10.49
CA ASN A 15 -11.83 2.23 -11.25
C ASN A 15 -10.79 2.14 -12.35
N GLU A 16 -10.68 3.19 -13.17
CA GLU A 16 -9.75 3.17 -14.31
C GLU A 16 -8.31 3.13 -13.84
N LEU A 17 -7.97 3.96 -12.86
CA LEU A 17 -6.61 3.98 -12.30
C LEU A 17 -6.24 2.69 -11.60
N SER A 18 -7.09 2.21 -10.70
CA SER A 18 -6.81 0.94 -10.02
C SER A 18 -6.68 -0.23 -11.00
N ALA A 19 -7.42 -0.21 -12.10
CA ALA A 19 -7.27 -1.27 -13.10
C ALA A 19 -5.89 -1.19 -13.75
N SER A 20 -5.46 0.03 -14.07
CA SER A 20 -4.15 0.27 -14.66
C SER A 20 -3.00 -0.30 -13.80
N VAL A 21 -3.06 0.01 -12.51
CA VAL A 21 -2.02 -0.36 -11.57
C VAL A 21 -2.05 -1.85 -11.32
N TYR A 22 -3.23 -2.39 -11.05
CA TYR A 22 -3.35 -3.82 -10.85
C TYR A 22 -2.80 -4.56 -12.06
N ASN A 23 -3.19 -4.15 -13.26
CA ASN A 23 -2.78 -4.87 -14.46
C ASN A 23 -1.27 -4.84 -14.71
N ARG A 24 -0.62 -3.75 -14.33
CA ARG A 24 0.81 -3.66 -14.47
C ARG A 24 1.44 -4.70 -13.55
N VAL A 25 0.92 -4.80 -12.34
CA VAL A 25 1.47 -5.74 -11.38
C VAL A 25 1.14 -7.18 -11.78
N LEU A 26 -0.10 -7.41 -12.18
CA LEU A 26 -0.50 -8.76 -12.57
C LEU A 26 0.35 -9.25 -13.74
N ASN A 27 0.49 -8.40 -14.74
CA ASN A 27 1.27 -8.69 -15.94
C ASN A 27 2.70 -9.10 -15.64
N TYR A 28 3.35 -8.37 -14.75
CA TYR A 28 4.73 -8.58 -14.41
C TYR A 28 4.89 -9.89 -13.64
N VAL A 29 3.99 -10.13 -12.69
CA VAL A 29 3.97 -11.36 -11.88
C VAL A 29 3.75 -12.57 -12.78
N LEU A 30 2.80 -12.46 -13.70
CA LEU A 30 2.53 -13.54 -14.65
C LEU A 30 3.68 -13.71 -15.62
N ASN A 31 4.09 -12.61 -16.24
CA ASN A 31 5.20 -12.63 -17.18
C ASN A 31 6.48 -13.24 -16.58
N HIS A 32 6.87 -12.82 -15.38
CA HIS A 32 8.06 -13.39 -14.75
C HIS A 32 7.83 -14.73 -14.06
N GLU A 33 6.66 -15.34 -14.29
CA GLU A 33 6.33 -16.69 -13.77
C GLU A 33 6.42 -16.82 -12.24
N LEU A 34 6.18 -15.72 -11.53
CA LEU A 34 6.32 -15.72 -10.09
C LEU A 34 5.18 -16.50 -9.44
N ASN A 35 5.51 -17.21 -8.36
CA ASN A 35 4.55 -17.96 -7.59
C ASN A 35 3.57 -17.04 -6.86
N LYS A 36 2.31 -17.05 -7.31
CA LYS A 36 1.25 -16.27 -6.68
C LYS A 36 0.98 -16.60 -5.20
N ASN A 37 1.39 -17.77 -4.75
CA ASN A 37 1.15 -18.17 -3.36
C ASN A 37 2.30 -17.85 -2.38
N ASP A 38 3.24 -17.03 -2.83
CA ASP A 38 4.45 -16.75 -2.04
C ASP A 38 4.55 -15.27 -1.73
N SER A 39 4.06 -14.90 -0.56
CA SER A 39 4.03 -13.51 -0.16
C SER A 39 5.41 -12.94 0.20
N GLN A 40 6.39 -13.82 0.32
CA GLN A 40 7.76 -13.38 0.52
C GLN A 40 8.30 -12.63 -0.70
N LEU A 41 7.89 -13.03 -1.90
CA LEU A 41 8.32 -12.39 -3.13
C LEU A 41 7.69 -11.01 -3.21
N LEU A 42 8.55 -10.01 -3.18
CA LEU A 42 8.16 -8.61 -3.14
C LEU A 42 6.95 -8.27 -4.01
N GLU A 43 7.06 -8.53 -5.31
CA GLU A 43 6.04 -8.14 -6.26
C GLU A 43 4.73 -8.86 -6.05
N VAL A 44 4.79 -10.09 -5.55
CA VAL A 44 3.59 -10.85 -5.17
C VAL A 44 2.97 -10.24 -3.94
N ASN A 45 3.77 -9.96 -2.91
CA ASN A 45 3.25 -9.25 -1.75
C ASN A 45 2.45 -8.04 -2.20
N LEU A 46 3.01 -7.25 -3.10
CA LEU A 46 2.34 -6.07 -3.63
C LEU A 46 1.05 -6.45 -4.31
N LEU A 47 1.10 -7.48 -5.15
CA LEU A 47 -0.14 -7.95 -5.79
C LEU A 47 -1.23 -8.29 -4.75
N ASN A 48 -0.88 -9.09 -3.74
CA ASN A 48 -1.83 -9.40 -2.70
C ASN A 48 -2.40 -8.17 -2.00
N GLN A 49 -1.57 -7.15 -1.82
CA GLN A 49 -2.05 -5.92 -1.18
C GLN A 49 -3.08 -5.25 -2.07
N LEU A 50 -2.80 -5.18 -3.36
CA LEU A 50 -3.76 -4.65 -4.33
C LEU A 50 -5.07 -5.44 -4.35
N LYS A 51 -5.00 -6.75 -4.11
CA LYS A 51 -6.21 -7.57 -4.08
C LYS A 51 -7.13 -7.15 -2.94
N LEU A 52 -6.58 -6.98 -1.73
CA LEU A 52 -7.33 -6.48 -0.59
C LEU A 52 -7.97 -5.12 -0.89
N ALA A 53 -7.21 -4.22 -1.51
CA ALA A 53 -7.68 -2.88 -1.80
C ALA A 53 -8.97 -2.88 -2.66
N LYS A 54 -8.97 -3.73 -3.68
CA LYS A 54 -10.08 -3.90 -4.62
C LYS A 54 -11.32 -4.58 -4.03
N ARG A 55 -11.21 -5.16 -2.83
CA ARG A 55 -12.36 -5.89 -2.31
C ARG A 55 -13.49 -5.01 -1.81
N VAL A 56 -13.20 -3.72 -1.65
CA VAL A 56 -14.11 -2.81 -0.97
C VAL A 56 -15.27 -2.40 -1.87
N ASN A 57 -16.43 -2.14 -1.27
CA ASN A 57 -17.51 -1.52 -1.98
C ASN A 57 -17.38 -0.01 -1.93
N LEU A 58 -16.93 0.56 -3.04
CA LEU A 58 -16.75 2.02 -3.12
C LEU A 58 -18.05 2.83 -3.02
N PHE A 59 -19.19 2.18 -3.24
CA PHE A 59 -20.47 2.90 -3.19
C PHE A 59 -20.87 3.23 -1.75
N ASP A 60 -20.21 2.59 -0.80
CA ASP A 60 -20.50 2.87 0.60
C ASP A 60 -19.61 3.98 1.19
N TYR A 61 -18.70 4.52 0.39
CA TYR A 61 -17.79 5.53 0.87
C TYR A 61 -18.28 6.96 0.68
N SER A 62 -17.84 7.83 1.60
CA SER A 62 -18.02 9.26 1.46
C SER A 62 -16.95 9.84 0.52
N LEU A 63 -17.13 11.11 0.15
CA LEU A 63 -16.19 11.82 -0.69
C LEU A 63 -14.78 11.82 -0.11
N GLU A 64 -14.64 12.15 1.18
CA GLU A 64 -13.33 12.16 1.87
C GLU A 64 -12.67 10.79 1.85
N GLU A 65 -13.48 9.74 2.02
CA GLU A 65 -12.99 8.38 1.93
C GLU A 65 -12.61 8.07 0.49
N LEU A 66 -13.44 8.47 -0.47
CA LEU A 66 -13.14 8.24 -1.88
C LEU A 66 -11.86 8.94 -2.32
N GLN A 67 -11.69 10.18 -1.86
CA GLN A 67 -10.49 10.94 -2.18
C GLN A 67 -9.25 10.26 -1.62
N ALA A 68 -9.42 9.66 -0.45
CA ALA A 68 -8.38 8.89 0.21
C ALA A 68 -8.04 7.64 -0.61
N VAL A 69 -9.05 6.93 -1.06
CA VAL A 69 -8.82 5.78 -1.92
C VAL A 69 -8.11 6.19 -3.22
N HIS A 70 -8.63 7.22 -3.88
CA HIS A 70 -7.98 7.78 -5.07
C HIS A 70 -6.47 7.99 -4.85
N GLU A 71 -6.09 8.70 -3.78
CA GLU A 71 -4.67 8.95 -3.50
C GLU A 71 -3.90 7.70 -3.13
N TYR A 72 -4.61 6.68 -2.63
CA TYR A 72 -3.99 5.36 -2.50
C TYR A 72 -3.51 4.85 -3.86
N TRP A 73 -4.38 4.86 -4.86
CA TRP A 73 -4.01 4.35 -6.18
C TRP A 73 -3.00 5.23 -6.92
N ARG A 74 -2.93 6.52 -6.60
CA ARG A 74 -1.87 7.35 -7.18
C ARG A 74 -0.54 6.86 -6.64
N SER A 75 -0.55 6.56 -5.34
CA SER A 75 0.60 6.09 -4.61
C SER A 75 1.11 4.75 -5.11
N MET A 76 0.21 3.80 -5.31
CA MET A 76 0.62 2.50 -5.82
C MET A 76 1.06 2.60 -7.27
N ASN A 77 0.38 3.43 -8.06
CA ASN A 77 0.84 3.71 -9.42
C ASN A 77 2.30 4.19 -9.43
N ARG A 78 2.61 5.19 -8.61
CA ARG A 78 3.99 5.68 -8.48
C ARG A 78 4.95 4.58 -8.04
N TYR A 79 4.56 3.84 -7.01
CA TYR A 79 5.39 2.81 -6.40
C TYR A 79 5.61 1.59 -7.29
N SER A 80 4.54 1.10 -7.92
CA SER A 80 4.65 -0.05 -8.81
C SER A 80 5.63 0.21 -9.94
N LYS A 81 5.57 1.40 -10.55
CA LYS A 81 6.53 1.72 -11.62
C LYS A 81 7.96 1.64 -11.11
N GLN A 82 8.17 2.04 -9.86
CA GLN A 82 9.49 2.04 -9.24
C GLN A 82 10.02 0.63 -8.99
N VAL A 83 9.20 -0.26 -8.45
CA VAL A 83 9.68 -1.60 -8.11
C VAL A 83 9.93 -2.54 -9.28
N LEU A 84 9.06 -2.47 -10.29
CA LEU A 84 9.12 -3.37 -11.44
C LEU A 84 10.14 -2.88 -12.46
N ASN A 85 11.41 -3.23 -12.21
CA ASN A 85 12.53 -2.82 -13.10
C ASN A 85 13.39 -3.96 -13.62
N LYS A 86 12.96 -5.19 -13.31
CA LYS A 86 13.52 -6.39 -13.93
C LYS A 86 13.27 -6.36 -15.45
N GLU A 87 13.96 -7.21 -16.20
CA GLU A 87 13.77 -7.28 -17.64
C GLU A 87 13.00 -8.53 -18.07
N ASN B 3 5.36 -11.07 -33.86
CA ASN B 3 4.16 -10.19 -33.76
C ASN B 3 3.56 -10.06 -32.34
N ILE B 4 3.94 -8.99 -31.64
CA ILE B 4 3.60 -8.81 -30.23
C ILE B 4 2.10 -8.61 -29.93
N VAL B 5 1.30 -8.39 -30.97
CA VAL B 5 -0.15 -8.22 -30.84
C VAL B 5 -0.83 -9.55 -30.44
N ASN B 6 -0.21 -10.66 -30.80
CA ASN B 6 -0.73 -11.97 -30.45
C ASN B 6 -0.30 -12.38 -29.07
N PHE B 7 -0.93 -13.43 -28.55
CA PHE B 7 -0.64 -13.95 -27.23
C PHE B 7 -1.03 -15.43 -27.19
N THR B 8 -0.33 -16.20 -26.36
CA THR B 8 -0.58 -17.64 -26.22
C THR B 8 -1.89 -17.90 -25.51
N ASP B 9 -2.49 -19.06 -25.76
CA ASP B 9 -3.69 -19.49 -25.03
C ASP B 9 -3.47 -19.60 -23.53
N LYS B 10 -2.24 -19.85 -23.13
CA LYS B 10 -1.90 -19.97 -21.71
C LYS B 10 -1.93 -18.58 -21.06
N GLN B 11 -1.26 -17.62 -21.70
CA GLN B 11 -1.29 -16.24 -21.23
C GLN B 11 -2.72 -15.79 -21.01
N PHE B 12 -3.61 -16.15 -21.93
CA PHE B 12 -5.04 -15.88 -21.76
C PHE B 12 -5.64 -16.62 -20.54
N GLU B 13 -5.41 -17.94 -20.46
CA GLU B 13 -5.95 -18.73 -19.36
C GLU B 13 -5.50 -18.18 -18.01
N ASN B 14 -4.24 -17.78 -17.89
CA ASN B 14 -3.74 -17.27 -16.61
C ASN B 14 -4.44 -15.99 -16.17
N ARG B 15 -4.67 -15.10 -17.13
CA ARG B 15 -5.33 -13.84 -16.87
C ARG B 15 -6.82 -14.04 -16.67
N LEU B 16 -7.39 -15.02 -17.36
CA LEU B 16 -8.79 -15.37 -17.18
C LEU B 16 -9.03 -15.84 -15.75
N ASN B 17 -8.11 -16.68 -15.26
CA ASN B 17 -8.23 -17.24 -13.91
C ASN B 17 -8.13 -16.22 -12.80
N ASP B 18 -7.25 -15.25 -12.98
CA ASP B 18 -7.12 -14.17 -12.04
C ASP B 18 -8.37 -13.31 -12.07
N ASN B 19 -8.80 -12.95 -13.28
CA ASN B 19 -10.02 -12.17 -13.44
C ASN B 19 -11.19 -12.76 -12.67
N LEU B 20 -11.37 -14.09 -12.79
CA LEU B 20 -12.49 -14.78 -12.18
C LEU B 20 -12.38 -14.76 -10.65
N GLU B 21 -11.20 -15.07 -10.13
CA GLU B 21 -10.97 -14.92 -8.69
C GLU B 21 -11.45 -13.56 -8.27
N GLU B 22 -10.88 -12.52 -8.86
CA GLU B 22 -11.21 -11.15 -8.49
C GLU B 22 -12.70 -10.86 -8.50
N LEU B 23 -13.40 -11.34 -9.52
CA LEU B 23 -14.78 -10.92 -9.75
C LEU B 23 -15.80 -11.62 -8.87
N ILE B 24 -15.56 -12.89 -8.51
CA ILE B 24 -16.49 -13.65 -7.64
C ILE B 24 -16.27 -13.39 -6.15
N GLN B 25 -15.22 -12.64 -5.82
CA GLN B 25 -14.90 -12.33 -4.44
C GLN B 25 -16.12 -11.72 -3.75
N GLY B 26 -16.68 -12.44 -2.77
CA GLY B 26 -17.82 -11.96 -2.00
C GLY B 26 -19.16 -12.03 -2.70
N LYS B 27 -19.19 -12.62 -3.89
CA LYS B 27 -20.43 -12.75 -4.65
C LYS B 27 -20.87 -14.20 -4.62
N LYS B 28 -22.14 -14.44 -4.94
CA LYS B 28 -22.70 -15.78 -4.90
C LYS B 28 -23.65 -16.12 -6.06
N ALA B 29 -23.41 -17.26 -6.72
CA ALA B 29 -24.32 -17.70 -7.78
C ALA B 29 -25.67 -18.10 -7.20
N VAL B 30 -26.74 -17.69 -7.88
CA VAL B 30 -28.11 -17.85 -7.35
C VAL B 30 -28.94 -18.70 -8.28
N GLU B 31 -30.08 -19.20 -7.81
CA GLU B 31 -30.89 -20.05 -8.68
C GLU B 31 -31.61 -19.30 -9.79
N SER B 32 -31.92 -18.03 -9.56
CA SER B 32 -32.61 -17.17 -10.54
C SER B 32 -31.82 -15.86 -10.80
N PRO B 33 -30.72 -15.96 -11.55
CA PRO B 33 -29.83 -14.82 -11.79
C PRO B 33 -30.41 -13.69 -12.65
N THR B 34 -30.00 -12.45 -12.38
CA THR B 34 -30.33 -11.35 -13.27
C THR B 34 -29.07 -10.82 -13.97
N ALA B 35 -29.23 -10.36 -15.21
CA ALA B 35 -28.19 -9.60 -15.92
C ALA B 35 -28.72 -8.21 -16.24
N PHE B 36 -27.89 -7.20 -16.00
CA PHE B 36 -28.25 -5.82 -16.27
C PHE B 36 -27.29 -5.29 -17.30
N LEU B 37 -27.78 -5.09 -18.52
CA LEU B 37 -26.98 -4.47 -19.56
C LEU B 37 -27.06 -2.95 -19.42
N LEU B 38 -25.94 -2.26 -19.54
CA LEU B 38 -25.95 -0.80 -19.41
C LEU B 38 -25.93 -0.08 -20.73
N GLY B 39 -26.44 1.15 -20.73
CA GLY B 39 -26.46 2.00 -21.92
C GLY B 39 -26.20 3.44 -21.54
N GLY B 40 -25.75 4.23 -22.50
CA GLY B 40 -25.44 5.63 -22.28
C GLY B 40 -24.16 6.02 -22.98
N GLN B 41 -24.13 7.24 -23.51
CA GLN B 41 -22.94 7.69 -24.21
C GLN B 41 -21.73 7.80 -23.26
N PRO B 42 -20.51 7.73 -23.82
CA PRO B 42 -19.33 8.07 -23.04
C PRO B 42 -19.55 9.40 -22.32
N GLY B 43 -19.15 9.45 -21.05
CA GLY B 43 -19.30 10.66 -20.24
C GLY B 43 -20.61 10.79 -19.52
N SER B 44 -21.58 9.94 -19.84
CA SER B 44 -22.91 10.03 -19.22
C SER B 44 -22.93 9.61 -17.73
N GLY B 45 -21.89 8.95 -17.26
CA GLY B 45 -21.77 8.64 -15.82
C GLY B 45 -22.41 7.33 -15.43
N LYS B 46 -22.30 6.34 -16.31
CA LYS B 46 -22.91 5.01 -16.12
C LYS B 46 -22.55 4.34 -14.79
N THR B 47 -21.44 4.74 -14.16
CA THR B 47 -21.13 4.25 -12.82
C THR B 47 -22.32 4.49 -11.87
N SER B 48 -23.11 5.54 -12.12
CA SER B 48 -24.37 5.74 -11.39
C SER B 48 -25.30 4.53 -11.47
N LEU B 49 -25.31 3.85 -12.61
CA LEU B 49 -26.16 2.68 -12.79
C LEU B 49 -25.68 1.52 -11.92
N ARG B 50 -24.37 1.30 -11.90
CA ARG B 50 -23.77 0.29 -11.02
C ARG B 50 -24.23 0.48 -9.57
N SER B 51 -24.31 1.74 -9.15
CA SER B 51 -24.73 2.04 -7.80
C SER B 51 -26.14 1.50 -7.53
N ALA B 52 -27.10 1.89 -8.37
CA ALA B 52 -28.50 1.48 -8.19
C ALA B 52 -28.67 -0.05 -8.22
N ILE B 53 -27.96 -0.69 -9.14
CA ILE B 53 -27.96 -2.15 -9.25
C ILE B 53 -27.31 -2.84 -8.03
N PHE B 54 -26.20 -2.28 -7.53
CA PHE B 54 -25.60 -2.77 -6.30
C PHE B 54 -26.63 -2.76 -5.17
N GLU B 55 -27.35 -1.65 -5.04
CA GLU B 55 -28.40 -1.52 -4.03
C GLU B 55 -29.50 -2.57 -4.30
N GLU B 56 -29.97 -2.63 -5.54
CA GLU B 56 -31.05 -3.54 -5.93
C GLU B 56 -30.73 -5.02 -5.69
N THR B 57 -29.48 -5.43 -5.92
CA THR B 57 -29.04 -6.83 -5.70
C THR B 57 -28.40 -7.02 -4.32
N GLN B 58 -28.50 -5.99 -3.47
CA GLN B 58 -27.83 -5.97 -2.17
C GLN B 58 -26.36 -6.37 -2.23
N GLY B 59 -25.68 -5.86 -3.27
CA GLY B 59 -24.25 -6.07 -3.43
C GLY B 59 -23.84 -7.39 -4.05
N ASN B 60 -24.82 -8.25 -4.33
CA ASN B 60 -24.51 -9.53 -4.91
C ASN B 60 -24.60 -9.48 -6.44
N VAL B 61 -23.77 -8.61 -7.01
CA VAL B 61 -23.68 -8.44 -8.44
C VAL B 61 -22.20 -8.32 -8.91
N ILE B 62 -21.92 -8.83 -10.11
CA ILE B 62 -20.59 -8.73 -10.67
C ILE B 62 -20.58 -7.80 -11.86
N VAL B 63 -19.75 -6.77 -11.78
CA VAL B 63 -19.63 -5.81 -12.84
C VAL B 63 -18.60 -6.29 -13.84
N ILE B 64 -19.01 -6.36 -15.11
CA ILE B 64 -18.12 -6.80 -16.18
C ILE B 64 -17.90 -5.62 -17.11
N ASP B 65 -16.64 -5.20 -17.19
CA ASP B 65 -16.29 -3.99 -17.91
C ASP B 65 -15.10 -4.19 -18.84
N ASN B 66 -15.38 -4.26 -20.13
CA ASN B 66 -14.42 -4.43 -21.24
C ASN B 66 -13.15 -3.62 -21.07
N ASP B 67 -13.30 -2.32 -20.84
CA ASP B 67 -12.15 -1.40 -20.74
C ASP B 67 -11.12 -1.77 -19.65
N THR B 68 -11.56 -2.39 -18.58
CA THR B 68 -10.61 -2.76 -17.53
C THR B 68 -9.65 -3.87 -17.97
N PHE B 69 -9.82 -4.38 -19.18
CA PHE B 69 -9.00 -5.51 -19.64
C PHE B 69 -7.92 -5.14 -20.66
N LYS B 70 -8.03 -3.93 -21.21
CA LYS B 70 -7.18 -3.48 -22.29
C LYS B 70 -5.68 -3.54 -21.94
N GLN B 71 -5.34 -3.00 -20.76
CA GLN B 71 -3.95 -2.95 -20.30
C GLN B 71 -3.44 -4.30 -19.77
N GLN B 72 -4.34 -5.30 -19.77
CA GLN B 72 -4.03 -6.63 -19.27
C GLN B 72 -3.45 -7.50 -20.37
N HIS B 73 -3.43 -6.98 -21.59
CA HIS B 73 -2.74 -7.65 -22.68
C HIS B 73 -1.33 -8.01 -22.20
N PRO B 74 -0.86 -9.23 -22.48
CA PRO B 74 0.43 -9.67 -21.95
C PRO B 74 1.59 -8.77 -22.33
N ASN B 75 1.54 -8.21 -23.53
CA ASN B 75 2.62 -7.39 -24.05
C ASN B 75 2.27 -5.91 -24.07
N PHE B 76 1.35 -5.51 -23.19
CA PHE B 76 0.80 -4.15 -23.25
C PHE B 76 1.85 -3.04 -23.31
N ASP B 77 2.87 -3.12 -22.45
CA ASP B 77 3.84 -2.05 -22.34
C ASP B 77 4.69 -1.91 -23.61
N GLU B 78 4.92 -3.05 -24.27
CA GLU B 78 5.62 -3.11 -25.55
C GLU B 78 4.72 -2.55 -26.67
N LEU B 79 3.41 -2.50 -26.42
CA LEU B 79 2.46 -2.05 -27.43
C LEU B 79 2.22 -0.56 -27.40
N VAL B 80 2.36 0.06 -26.24
CA VAL B 80 2.33 1.52 -26.16
C VAL B 80 3.63 2.14 -26.66
N LYS B 81 4.75 1.43 -26.49
CA LYS B 81 6.04 1.96 -26.92
C LYS B 81 6.22 1.76 -28.43
N LEU B 82 5.13 1.35 -29.08
CA LEU B 82 5.10 1.13 -30.52
C LEU B 82 3.95 1.87 -31.19
N TYR B 83 2.76 1.83 -30.61
CA TYR B 83 1.59 2.48 -31.22
C TYR B 83 1.07 3.66 -30.42
N GLU B 84 1.68 3.89 -29.26
CA GLU B 84 1.40 5.06 -28.42
C GLU B 84 -0.11 5.35 -28.27
N LYS B 85 -0.51 6.58 -28.57
CA LYS B 85 -1.90 7.01 -28.49
C LYS B 85 -2.88 6.08 -29.18
N ASP B 86 -2.44 5.43 -30.25
CA ASP B 86 -3.28 4.53 -31.04
C ASP B 86 -3.28 3.05 -30.60
N VAL B 87 -2.96 2.79 -29.34
CA VAL B 87 -2.79 1.42 -28.84
C VAL B 87 -4.11 0.66 -28.65
N VAL B 88 -5.20 1.40 -28.44
CA VAL B 88 -6.50 0.82 -28.09
C VAL B 88 -7.01 -0.22 -29.11
N LYS B 89 -6.90 0.11 -30.40
CA LYS B 89 -7.42 -0.77 -31.45
C LYS B 89 -6.66 -2.09 -31.53
N HIS B 90 -5.43 -2.12 -31.03
CA HIS B 90 -4.60 -3.31 -31.11
C HIS B 90 -4.85 -4.25 -29.95
N VAL B 91 -5.32 -3.70 -28.84
CA VAL B 91 -5.57 -4.50 -27.65
C VAL B 91 -7.06 -4.79 -27.43
N THR B 92 -7.91 -4.29 -28.32
CA THR B 92 -9.34 -4.58 -28.23
C THR B 92 -9.66 -6.08 -28.49
N PRO B 93 -9.00 -6.71 -29.50
CA PRO B 93 -9.30 -8.15 -29.69
C PRO B 93 -9.10 -8.95 -28.41
N TYR B 94 -8.01 -8.67 -27.69
CA TYR B 94 -7.76 -9.33 -26.40
C TYR B 94 -8.88 -9.04 -25.40
N SER B 95 -9.22 -7.77 -25.22
CA SER B 95 -10.25 -7.39 -24.25
C SER B 95 -11.63 -7.93 -24.62
N ASN B 96 -11.91 -8.04 -25.92
CA ASN B 96 -13.17 -8.59 -26.40
C ASN B 96 -13.29 -10.06 -26.05
N ARG B 97 -12.26 -10.81 -26.42
CA ARG B 97 -12.19 -12.23 -26.15
C ARG B 97 -12.25 -12.49 -24.64
N MET B 98 -11.58 -11.66 -23.85
CA MET B 98 -11.63 -11.77 -22.40
C MET B 98 -13.02 -11.48 -21.81
N THR B 99 -13.66 -10.40 -22.28
CA THR B 99 -15.00 -10.05 -21.83
C THR B 99 -15.95 -11.22 -22.08
N GLU B 100 -15.90 -11.77 -23.30
CA GLU B 100 -16.81 -12.85 -23.68
C GLU B 100 -16.57 -14.13 -22.89
N ALA B 101 -15.31 -14.53 -22.73
CA ALA B 101 -14.96 -15.66 -21.88
C ALA B 101 -15.48 -15.48 -20.46
N ILE B 102 -15.34 -14.28 -19.91
CA ILE B 102 -15.79 -14.00 -18.55
C ILE B 102 -17.31 -14.04 -18.42
N ILE B 103 -18.01 -13.47 -19.40
CA ILE B 103 -19.47 -13.52 -19.37
C ILE B 103 -19.92 -14.97 -19.45
N SER B 104 -19.27 -15.74 -20.31
CA SER B 104 -19.59 -17.14 -20.52
C SER B 104 -19.45 -17.95 -19.23
N ARG B 105 -18.29 -17.83 -18.59
CA ARG B 105 -18.05 -18.60 -17.39
C ARG B 105 -18.94 -18.16 -16.25
N LEU B 106 -19.10 -16.86 -16.06
CA LEU B 106 -19.91 -16.40 -14.93
C LEU B 106 -21.37 -16.73 -15.14
N SER B 107 -21.82 -16.71 -16.40
CA SER B 107 -23.20 -17.07 -16.67
C SER B 107 -23.43 -18.59 -16.60
N ASP B 108 -22.42 -19.37 -16.98
CA ASP B 108 -22.41 -20.82 -16.70
C ASP B 108 -22.78 -21.11 -15.24
N GLN B 109 -22.17 -20.37 -14.32
CA GLN B 109 -22.41 -20.56 -12.90
C GLN B 109 -23.74 -19.94 -12.49
N GLY B 110 -23.99 -18.70 -12.92
CA GLY B 110 -25.24 -18.02 -12.58
C GLY B 110 -25.11 -16.96 -11.50
N TYR B 111 -24.07 -16.13 -11.59
CA TYR B 111 -23.94 -14.92 -10.79
C TYR B 111 -24.79 -13.82 -11.42
N ASN B 112 -25.25 -12.89 -10.61
CA ASN B 112 -25.85 -11.68 -11.15
C ASN B 112 -24.80 -10.85 -11.88
N LEU B 113 -25.17 -10.30 -13.03
CA LEU B 113 -24.19 -9.58 -13.84
C LEU B 113 -24.63 -8.16 -14.17
N VAL B 114 -23.62 -7.29 -14.25
CA VAL B 114 -23.78 -5.98 -14.85
C VAL B 114 -22.83 -6.00 -16.01
N ILE B 115 -23.35 -5.78 -17.21
CA ILE B 115 -22.52 -5.74 -18.38
C ILE B 115 -22.46 -4.30 -18.87
N GLU B 116 -21.34 -3.65 -18.59
CA GLU B 116 -21.11 -2.29 -19.04
C GLU B 116 -21.11 -2.25 -20.57
N GLY B 117 -21.66 -1.17 -21.14
CA GLY B 117 -21.79 -1.00 -22.58
C GLY B 117 -22.46 0.33 -22.86
N THR B 118 -22.42 0.76 -24.13
CA THR B 118 -22.91 2.09 -24.52
C THR B 118 -24.31 2.11 -25.14
N GLY B 119 -24.72 1.01 -25.73
CA GLY B 119 -26.00 0.94 -26.40
C GLY B 119 -25.91 1.51 -27.80
N ARG B 120 -24.69 1.52 -28.35
CA ARG B 120 -24.44 1.96 -29.71
C ARG B 120 -25.26 1.12 -30.70
N THR B 121 -25.55 -0.12 -30.33
CA THR B 121 -26.34 -0.97 -31.18
C THR B 121 -27.47 -1.64 -30.44
N THR B 122 -28.31 -2.33 -31.21
CA THR B 122 -29.33 -3.21 -30.68
C THR B 122 -28.88 -4.67 -30.70
N ASP B 123 -28.21 -5.08 -31.77
CA ASP B 123 -27.84 -6.49 -31.94
C ASP B 123 -26.95 -7.08 -30.84
N VAL B 124 -25.93 -6.34 -30.42
CA VAL B 124 -25.03 -6.75 -29.32
C VAL B 124 -25.75 -6.98 -27.97
N PRO B 125 -26.48 -5.97 -27.45
CA PRO B 125 -27.33 -6.30 -26.30
C PRO B 125 -28.33 -7.44 -26.58
N ILE B 126 -28.89 -7.53 -27.79
CA ILE B 126 -29.83 -8.62 -28.11
C ILE B 126 -29.19 -9.99 -28.01
N GLN B 127 -28.07 -10.22 -28.70
CA GLN B 127 -27.42 -11.54 -28.62
C GLN B 127 -27.02 -11.88 -27.22
N THR B 128 -26.57 -10.88 -26.47
CA THR B 128 -26.18 -11.06 -25.10
C THR B 128 -27.39 -11.53 -24.29
N ALA B 129 -28.49 -10.78 -24.37
CA ALA B 129 -29.70 -11.10 -23.62
C ALA B 129 -30.20 -12.50 -24.00
N THR B 130 -30.23 -12.78 -25.30
CA THR B 130 -30.71 -14.06 -25.81
C THR B 130 -29.84 -15.23 -25.31
N MET B 131 -28.51 -15.05 -25.34
CA MET B 131 -27.59 -16.10 -24.86
C MET B 131 -27.80 -16.34 -23.37
N LEU B 132 -27.97 -15.27 -22.60
CA LEU B 132 -28.15 -15.39 -21.18
C LEU B 132 -29.49 -16.02 -20.82
N GLN B 133 -30.51 -15.75 -21.62
CA GLN B 133 -31.83 -16.31 -21.35
C GLN B 133 -31.80 -17.82 -21.45
N ALA B 134 -30.94 -18.32 -22.34
CA ALA B 134 -30.78 -19.76 -22.56
C ALA B 134 -30.04 -20.39 -21.38
N LYS B 135 -29.73 -19.58 -20.38
CA LYS B 135 -29.07 -20.08 -19.17
C LYS B 135 -29.87 -19.74 -17.92
N GLY B 136 -31.05 -19.16 -18.11
CA GLY B 136 -31.97 -18.94 -17.01
C GLY B 136 -31.92 -17.55 -16.38
N TYR B 137 -31.31 -16.60 -17.08
CA TYR B 137 -31.21 -15.23 -16.61
C TYR B 137 -32.46 -14.43 -16.95
N GLU B 138 -32.88 -13.59 -16.02
CA GLU B 138 -33.77 -12.50 -16.33
C GLU B 138 -32.86 -11.41 -16.92
N THR B 139 -33.29 -10.69 -17.94
CA THR B 139 -32.43 -9.65 -18.49
C THR B 139 -33.10 -8.29 -18.45
N LYS B 140 -32.43 -7.33 -17.83
CA LYS B 140 -32.89 -5.95 -17.77
C LYS B 140 -31.91 -5.01 -18.51
N MET B 141 -32.38 -3.82 -18.85
CA MET B 141 -31.50 -2.80 -19.39
C MET B 141 -31.63 -1.47 -18.63
N TYR B 142 -30.52 -0.97 -18.11
CA TYR B 142 -30.55 0.29 -17.39
C TYR B 142 -29.66 1.27 -18.14
N VAL B 143 -30.26 2.40 -18.53
CA VAL B 143 -29.57 3.39 -19.38
C VAL B 143 -29.49 4.76 -18.72
N MET B 144 -28.42 5.50 -19.04
CA MET B 144 -28.28 6.90 -18.58
C MET B 144 -28.94 7.86 -19.58
N ALA B 145 -29.78 8.75 -19.08
CA ALA B 145 -30.31 9.84 -19.87
C ALA B 145 -29.62 11.13 -19.42
N VAL B 146 -28.66 11.59 -20.21
CA VAL B 146 -27.88 12.78 -19.84
C VAL B 146 -27.72 13.70 -21.05
N PRO B 147 -27.94 15.00 -20.85
CA PRO B 147 -27.74 16.02 -21.89
C PRO B 147 -26.39 15.90 -22.60
N LYS B 148 -26.43 16.02 -23.92
CA LYS B 148 -25.21 15.87 -24.72
C LYS B 148 -24.06 16.80 -24.33
N ILE B 149 -24.38 18.00 -23.82
CA ILE B 149 -23.32 18.89 -23.35
C ILE B 149 -22.71 18.47 -22.01
N ASN B 150 -23.52 17.87 -21.13
CA ASN B 150 -23.04 17.34 -19.84
C ASN B 150 -22.10 16.13 -19.97
N SER B 151 -22.47 15.21 -20.87
CA SER B 151 -21.66 14.05 -21.20
C SER B 151 -20.37 14.44 -21.93
N TYR B 152 -20.45 15.39 -22.86
CA TYR B 152 -19.24 15.81 -23.55
C TYR B 152 -18.26 16.47 -22.57
N LEU B 153 -18.76 17.33 -21.70
CA LEU B 153 -17.92 17.93 -20.67
C LEU B 153 -17.38 16.85 -19.75
N GLY B 154 -18.18 15.79 -19.56
CA GLY B 154 -17.75 14.63 -18.80
C GLY B 154 -16.53 13.92 -19.38
N THR B 155 -16.51 13.70 -20.70
CA THR B 155 -15.35 13.09 -21.34
C THR B 155 -14.10 13.96 -21.14
N ILE B 156 -14.23 15.26 -21.42
CA ILE B 156 -13.13 16.19 -21.22
C ILE B 156 -12.56 16.07 -19.79
N GLU B 157 -13.43 16.19 -18.78
CA GLU B 157 -13.00 16.19 -17.40
C GLU B 157 -12.32 14.87 -17.04
N ARG B 158 -12.91 13.77 -17.48
CA ARG B 158 -12.36 12.45 -17.25
C ARG B 158 -10.95 12.44 -17.76
N TYR B 159 -10.78 12.79 -19.03
CA TYR B 159 -9.47 12.81 -19.63
C TYR B 159 -8.45 13.66 -18.85
N GLU B 160 -8.83 14.87 -18.46
CA GLU B 160 -7.90 15.77 -17.78
C GLU B 160 -7.59 15.36 -16.34
N THR B 161 -8.51 14.64 -15.70
CA THR B 161 -8.30 14.13 -14.35
C THR B 161 -7.39 12.92 -14.39
N MET B 162 -7.53 12.13 -15.45
CA MET B 162 -6.69 10.97 -15.68
C MET B 162 -5.27 11.37 -16.01
N TYR B 163 -5.16 12.36 -16.88
CA TYR B 163 -3.87 12.90 -17.29
C TYR B 163 -3.08 13.42 -16.09
N ALA B 164 -3.80 14.07 -15.16
CA ALA B 164 -3.21 14.61 -13.95
C ALA B 164 -2.68 13.51 -13.01
N ASP B 165 -3.34 12.35 -13.04
CA ASP B 165 -2.86 11.19 -12.30
C ASP B 165 -1.73 10.53 -13.07
N ASP B 166 -1.96 10.27 -14.36
CA ASP B 166 -1.00 9.59 -15.21
C ASP B 166 -1.16 9.96 -16.69
N PRO B 167 -0.20 10.74 -17.22
CA PRO B 167 -0.14 11.13 -18.63
C PRO B 167 -0.11 9.97 -19.65
N MET B 168 0.57 8.86 -19.34
CA MET B 168 0.64 7.71 -20.27
C MET B 168 -0.71 7.03 -20.42
N THR B 169 -1.36 6.77 -19.28
CA THR B 169 -2.61 6.05 -19.17
C THR B 169 -3.82 6.82 -19.76
N ALA B 170 -3.75 8.14 -19.74
CA ALA B 170 -4.88 8.97 -20.19
C ALA B 170 -5.01 8.98 -21.70
N ARG B 171 -6.21 8.66 -22.19
CA ARG B 171 -6.55 8.80 -23.61
C ARG B 171 -7.86 9.55 -23.78
N ALA B 172 -7.81 10.60 -24.58
CA ALA B 172 -9.02 11.37 -24.92
C ALA B 172 -10.05 10.47 -25.60
N THR B 173 -11.30 10.56 -25.15
CA THR B 173 -12.42 10.00 -25.89
C THR B 173 -12.54 10.85 -27.18
N PRO B 174 -12.58 10.20 -28.36
CA PRO B 174 -12.75 10.99 -29.59
C PRO B 174 -14.21 11.42 -29.73
N LYS B 175 -14.42 12.61 -30.28
CA LYS B 175 -15.75 13.20 -30.41
C LYS B 175 -16.80 12.26 -31.03
N GLN B 176 -16.41 11.50 -32.06
CA GLN B 176 -17.30 10.55 -32.72
C GLN B 176 -17.87 9.48 -31.79
N ALA B 177 -17.00 8.85 -31.00
CA ALA B 177 -17.46 7.85 -30.05
C ALA B 177 -18.63 8.39 -29.22
N HIS B 178 -18.55 9.66 -28.84
CA HIS B 178 -19.61 10.30 -28.07
C HIS B 178 -20.85 10.56 -28.92
N ASP B 179 -20.63 11.16 -30.09
CA ASP B 179 -21.74 11.58 -30.96
C ASP B 179 -22.52 10.44 -31.56
N ILE B 180 -21.84 9.33 -31.87
CA ILE B 180 -22.51 8.22 -32.52
C ILE B 180 -23.56 7.61 -31.59
N VAL B 181 -23.19 7.46 -30.31
CA VAL B 181 -24.09 6.87 -29.32
C VAL B 181 -25.28 7.79 -29.05
N VAL B 182 -25.01 9.09 -28.89
CA VAL B 182 -26.08 10.08 -28.74
C VAL B 182 -27.09 9.96 -29.88
N LYS B 183 -26.58 9.80 -31.09
CA LYS B 183 -27.40 9.72 -32.29
C LYS B 183 -28.22 8.42 -32.37
N ASN B 184 -27.57 7.29 -32.08
CA ASN B 184 -28.20 5.96 -32.17
C ASN B 184 -29.18 5.61 -31.03
N LEU B 185 -28.82 6.01 -29.81
CA LEU B 185 -29.46 5.50 -28.61
C LEU B 185 -30.98 5.56 -28.56
N PRO B 186 -31.58 6.75 -28.76
CA PRO B 186 -33.03 6.82 -28.56
C PRO B 186 -33.81 5.85 -29.44
N THR B 187 -33.44 5.76 -30.71
CA THR B 187 -34.09 4.86 -31.66
C THR B 187 -33.78 3.42 -31.27
N ASN B 188 -32.57 3.19 -30.76
CA ASN B 188 -32.16 1.86 -30.38
C ASN B 188 -32.93 1.35 -29.18
N LEU B 189 -33.32 2.27 -28.29
CA LEU B 189 -34.09 1.86 -27.13
C LEU B 189 -35.53 1.46 -27.52
N GLU B 190 -36.17 2.24 -28.40
CA GLU B 190 -37.51 1.88 -28.90
C GLU B 190 -37.46 0.52 -29.57
N THR B 191 -36.45 0.31 -30.42
CA THR B 191 -36.22 -1.00 -31.03
C THR B 191 -36.14 -2.10 -29.97
N LEU B 192 -35.28 -1.94 -28.98
CA LEU B 192 -35.10 -2.96 -27.94
C LEU B 192 -36.41 -3.22 -27.20
N HIS B 193 -37.12 -2.13 -26.92
CA HIS B 193 -38.44 -2.17 -26.30
C HIS B 193 -39.35 -3.13 -27.03
N LYS B 194 -39.48 -2.94 -28.35
CA LYS B 194 -40.32 -3.80 -29.17
C LYS B 194 -39.94 -5.29 -29.16
N THR B 195 -38.68 -5.62 -28.87
CA THR B 195 -38.25 -7.02 -28.86
C THR B 195 -38.84 -7.80 -27.69
N GLY B 196 -39.23 -7.09 -26.64
CA GLY B 196 -39.79 -7.75 -25.44
C GLY B 196 -38.83 -8.59 -24.63
N LEU B 197 -37.55 -8.63 -25.02
CA LEU B 197 -36.53 -9.41 -24.31
C LEU B 197 -36.22 -8.89 -22.92
N PHE B 198 -36.56 -7.64 -22.65
CA PHE B 198 -36.10 -7.01 -21.42
C PHE B 198 -37.26 -6.83 -20.47
N SER B 199 -37.17 -7.43 -19.30
CA SER B 199 -38.29 -7.35 -18.38
C SER B 199 -38.51 -5.91 -17.92
N ASP B 200 -37.43 -5.11 -17.92
CA ASP B 200 -37.48 -3.69 -17.58
C ASP B 200 -36.42 -2.90 -18.35
N ILE B 201 -36.83 -1.79 -18.95
CA ILE B 201 -35.89 -0.81 -19.48
C ILE B 201 -36.07 0.49 -18.71
N ARG B 202 -34.97 0.96 -18.10
CA ARG B 202 -35.02 2.12 -17.22
C ARG B 202 -34.12 3.23 -17.70
N LEU B 203 -34.57 4.46 -17.51
CA LEU B 203 -33.71 5.62 -17.75
C LEU B 203 -33.41 6.31 -16.43
N TYR B 204 -32.12 6.49 -16.14
CA TYR B 204 -31.71 7.26 -14.96
C TYR B 204 -31.01 8.54 -15.36
N ASN B 205 -31.10 9.55 -14.50
CA ASN B 205 -30.38 10.81 -14.70
C ASN B 205 -29.16 10.90 -13.81
N ARG B 206 -28.40 11.97 -13.99
CA ARG B 206 -27.12 12.09 -13.30
C ARG B 206 -27.28 11.85 -11.80
N GLU B 207 -28.38 12.36 -11.23
CA GLU B 207 -28.63 12.33 -9.79
C GLU B 207 -29.25 11.04 -9.31
N GLY B 208 -29.28 10.02 -10.17
CA GLY B 208 -29.76 8.70 -9.81
C GLY B 208 -31.27 8.53 -9.84
N VAL B 209 -32.00 9.57 -10.25
CA VAL B 209 -33.46 9.53 -10.34
C VAL B 209 -33.91 8.73 -11.56
N LYS B 210 -34.74 7.71 -11.31
CA LYS B 210 -35.39 6.91 -12.34
C LYS B 210 -36.42 7.74 -13.11
N LEU B 211 -36.19 7.96 -14.40
CA LEU B 211 -37.07 8.84 -15.18
C LEU B 211 -38.14 8.09 -15.98
N TYR B 212 -37.91 6.80 -16.23
CA TYR B 212 -38.77 5.99 -17.08
C TYR B 212 -38.56 4.53 -16.72
N SER B 213 -39.61 3.72 -16.83
CA SER B 213 -39.51 2.27 -16.65
C SER B 213 -40.47 1.54 -17.57
N SER B 214 -39.95 0.70 -18.44
CA SER B 214 -40.80 -0.08 -19.36
C SER B 214 -41.74 -1.03 -18.58
N LEU B 215 -41.33 -1.42 -17.38
CA LEU B 215 -42.18 -2.29 -16.58
C LEU B 215 -43.40 -1.53 -16.09
N GLU B 216 -43.17 -0.35 -15.53
CA GLU B 216 -44.23 0.49 -15.01
C GLU B 216 -45.15 1.09 -16.09
N THR B 217 -44.57 1.47 -17.23
CA THR B 217 -45.35 2.06 -18.31
C THR B 217 -45.07 1.35 -19.64
N PRO B 218 -45.59 0.13 -19.79
CA PRO B 218 -45.19 -0.76 -20.87
C PRO B 218 -45.67 -0.33 -22.24
N SER B 219 -46.57 0.66 -22.29
CA SER B 219 -47.06 1.16 -23.58
C SER B 219 -46.44 2.50 -24.00
N ILE B 220 -45.64 3.11 -23.12
CA ILE B 220 -44.89 4.32 -23.46
C ILE B 220 -43.51 3.86 -23.90
N SER B 221 -43.02 4.36 -25.02
CA SER B 221 -41.66 4.02 -25.46
C SER B 221 -40.61 4.94 -24.78
N PRO B 222 -39.40 4.41 -24.57
CA PRO B 222 -38.32 5.18 -23.93
C PRO B 222 -37.76 6.28 -24.83
N LYS B 223 -38.09 6.23 -26.11
CA LYS B 223 -37.46 7.09 -27.11
C LYS B 223 -37.58 8.56 -26.76
N GLU B 224 -38.80 9.01 -26.48
CA GLU B 224 -39.07 10.45 -26.32
C GLU B 224 -38.50 11.00 -25.03
N THR B 225 -38.56 10.20 -23.97
CA THR B 225 -38.09 10.64 -22.66
C THR B 225 -36.60 10.87 -22.72
N LEU B 226 -35.90 9.98 -23.44
CA LEU B 226 -34.46 10.11 -23.60
C LEU B 226 -34.04 11.31 -24.47
N GLU B 227 -34.81 11.55 -25.53
CA GLU B 227 -34.58 12.69 -26.43
C GLU B 227 -34.73 14.04 -25.71
N LYS B 228 -35.77 14.17 -24.89
CA LYS B 228 -35.98 15.36 -24.05
C LYS B 228 -34.74 15.68 -23.21
N GLU B 229 -34.09 14.63 -22.72
CA GLU B 229 -32.97 14.78 -21.81
C GLU B 229 -31.65 15.03 -22.54
N LEU B 230 -31.38 14.29 -23.61
CA LEU B 230 -30.20 14.52 -24.45
C LEU B 230 -30.21 15.92 -25.05
N ASN B 231 -31.40 16.40 -25.37
CA ASN B 231 -31.56 17.68 -26.05
C ASN B 231 -31.96 18.83 -25.14
N ARG B 232 -32.04 18.56 -23.84
CA ARG B 232 -32.36 19.62 -22.89
C ARG B 232 -31.30 20.73 -22.95
N LYS B 233 -31.76 21.97 -23.01
CA LYS B 233 -30.89 23.13 -22.90
C LYS B 233 -30.40 23.22 -21.46
N VAL B 234 -29.08 23.25 -21.29
CA VAL B 234 -28.49 23.30 -19.95
C VAL B 234 -28.18 24.76 -19.59
N SER B 235 -28.60 25.19 -18.41
CA SER B 235 -28.37 26.59 -18.00
C SER B 235 -26.87 26.85 -17.78
N GLY B 236 -26.44 28.08 -18.07
CA GLY B 236 -25.06 28.51 -17.76
C GLY B 236 -24.71 28.13 -16.32
N LYS B 237 -25.59 28.50 -15.41
CA LYS B 237 -25.46 28.18 -13.98
C LYS B 237 -25.32 26.70 -13.65
N GLU B 238 -25.69 25.82 -14.58
CA GLU B 238 -25.58 24.39 -14.32
C GLU B 238 -24.24 23.77 -14.72
N ILE B 239 -23.61 24.30 -15.77
CA ILE B 239 -22.34 23.75 -16.25
C ILE B 239 -21.14 24.35 -15.54
N GLN B 240 -21.37 25.51 -14.90
CA GLN B 240 -20.30 26.26 -14.27
C GLN B 240 -19.35 25.46 -13.36
N PRO B 241 -19.89 24.71 -12.35
CA PRO B 241 -18.97 23.92 -11.49
C PRO B 241 -18.08 22.98 -12.29
N THR B 242 -18.64 22.39 -13.34
CA THR B 242 -17.91 21.44 -14.16
C THR B 242 -16.83 22.16 -14.96
N LEU B 243 -17.19 23.31 -15.52
CA LEU B 243 -16.22 24.13 -16.24
C LEU B 243 -15.07 24.51 -15.34
N GLU B 244 -15.40 24.87 -14.09
CA GLU B 244 -14.39 25.31 -13.11
C GLU B 244 -13.38 24.22 -12.77
N ARG B 245 -13.86 22.99 -12.66
CA ARG B 245 -13.00 21.86 -12.32
C ARG B 245 -12.11 21.52 -13.49
N ILE B 246 -12.68 21.60 -14.70
CA ILE B 246 -11.95 21.34 -15.93
C ILE B 246 -10.79 22.30 -16.08
N GLU B 247 -11.07 23.60 -15.99
CA GLU B 247 -10.03 24.63 -16.03
C GLU B 247 -8.90 24.34 -15.04
N GLN B 248 -9.29 23.95 -13.83
CA GLN B 248 -8.37 23.67 -12.75
C GLN B 248 -7.36 22.59 -13.12
N LYS B 249 -7.87 21.48 -13.64
CA LYS B 249 -7.04 20.37 -14.08
C LYS B 249 -6.24 20.74 -15.34
N MET B 250 -6.86 21.48 -16.26
CA MET B 250 -6.19 21.84 -17.49
C MET B 250 -5.02 22.77 -17.23
N VAL B 251 -5.21 23.71 -16.30
CA VAL B 251 -4.11 24.60 -15.87
C VAL B 251 -2.98 23.74 -15.31
N LEU B 252 -3.31 22.91 -14.33
CA LEU B 252 -2.33 22.00 -13.72
C LEU B 252 -1.59 21.14 -14.78
N ASN B 253 -2.33 20.63 -15.75
CA ASN B 253 -1.76 19.79 -16.80
C ASN B 253 -1.04 20.58 -17.89
N LYS B 254 -1.03 21.91 -17.74
CA LYS B 254 -0.44 22.82 -18.74
C LYS B 254 -1.08 22.61 -20.12
N HIS B 255 -2.40 22.52 -20.16
CA HIS B 255 -3.12 22.38 -21.42
C HIS B 255 -3.89 23.65 -21.77
N GLN B 256 -3.33 24.80 -21.44
CA GLN B 256 -3.99 26.07 -21.73
C GLN B 256 -4.13 26.32 -23.23
N GLU B 257 -3.16 25.85 -24.00
CA GLU B 257 -3.14 26.11 -25.44
C GLU B 257 -3.91 25.05 -26.22
N THR B 258 -5.21 24.98 -25.95
CA THR B 258 -6.13 24.11 -26.69
C THR B 258 -7.38 24.90 -27.07
N PRO B 259 -8.13 24.44 -28.10
CA PRO B 259 -9.41 25.10 -28.41
C PRO B 259 -10.39 24.99 -27.23
N GLU B 260 -10.33 23.86 -26.55
CA GLU B 260 -11.17 23.52 -25.40
C GLU B 260 -11.05 24.52 -24.25
N PHE B 261 -9.81 24.86 -23.92
CA PHE B 261 -9.54 25.72 -22.79
C PHE B 261 -10.01 27.15 -23.04
N LYS B 262 -9.86 27.61 -24.28
CA LYS B 262 -10.31 28.96 -24.64
C LYS B 262 -11.82 29.04 -24.67
N ALA B 263 -12.48 27.94 -25.03
CA ALA B 263 -13.94 27.84 -24.98
C ALA B 263 -14.43 27.93 -23.54
N ILE B 264 -13.87 27.08 -22.68
CA ILE B 264 -14.18 27.04 -21.26
C ILE B 264 -13.88 28.37 -20.55
N GLN B 265 -12.79 29.03 -20.92
CA GLN B 265 -12.43 30.31 -20.31
C GLN B 265 -13.38 31.44 -20.68
N GLN B 266 -13.84 31.43 -21.93
CA GLN B 266 -14.78 32.43 -22.45
C GLN B 266 -16.15 32.26 -21.82
N LYS B 267 -16.57 31.00 -21.67
CA LYS B 267 -17.85 30.70 -21.04
C LYS B 267 -17.88 31.12 -19.57
N LEU B 268 -16.77 30.88 -18.87
CA LEU B 268 -16.64 31.24 -17.45
C LEU B 268 -16.59 32.74 -17.18
N GLU B 269 -16.06 33.50 -18.15
CA GLU B 269 -16.02 34.96 -18.08
C GLU B 269 -17.39 35.58 -18.39
N SER B 270 -18.18 34.88 -19.20
CA SER B 270 -19.54 35.34 -19.52
C SER B 270 -20.52 35.12 -18.35
N LEU B 271 -20.14 34.29 -17.39
CA LEU B 271 -20.99 33.99 -16.22
C LEU B 271 -20.61 34.77 -14.95
N GLN B 272 -19.84 35.85 -15.09
CA GLN B 272 -19.37 36.65 -13.95
C GLN B 272 -20.31 37.82 -13.65
N PRO B 273 -20.71 37.98 -12.37
CA PRO B 273 -21.67 39.01 -11.93
C PRO B 273 -21.27 40.45 -12.30
N PRO B 274 -21.89 41.03 -13.34
CA PRO B 274 -21.49 42.37 -13.80
C PRO B 274 -21.71 43.46 -12.74
N ALA C 2 28.51 -13.14 4.91
CA ALA C 2 27.07 -13.50 5.07
C ALA C 2 26.13 -12.30 4.85
N VAL C 3 26.41 -11.17 5.50
CA VAL C 3 25.61 -9.94 5.34
C VAL C 3 26.47 -8.67 5.33
N THR C 4 26.02 -7.68 4.56
CA THR C 4 26.74 -6.40 4.43
C THR C 4 26.20 -5.35 5.40
N TYR C 5 27.05 -4.37 5.74
CA TYR C 5 26.62 -3.24 6.57
C TYR C 5 25.56 -2.42 5.85
N GLU C 6 25.79 -2.20 4.55
CA GLU C 6 24.89 -1.46 3.70
C GLU C 6 23.44 -1.95 3.80
N LYS C 7 23.25 -3.26 3.59
CA LYS C 7 21.93 -3.87 3.65
C LYS C 7 21.34 -3.84 5.05
N THR C 8 22.16 -4.18 6.05
CA THR C 8 21.70 -4.23 7.44
C THR C 8 21.32 -2.84 7.96
N PHE C 9 22.04 -1.81 7.50
CA PHE C 9 21.66 -0.44 7.79
C PHE C 9 20.26 -0.09 7.24
N GLU C 10 19.94 -0.56 6.02
CA GLU C 10 18.60 -0.40 5.47
C GLU C 10 17.58 -1.11 6.35
N ILE C 11 17.79 -2.41 6.59
CA ILE C 11 16.88 -3.19 7.42
C ILE C 11 16.56 -2.48 8.74
N GLU C 12 17.59 -1.96 9.40
CA GLU C 12 17.45 -1.22 10.65
C GLU C 12 16.54 0.00 10.46
N ILE C 13 16.75 0.74 9.37
CA ILE C 13 15.92 1.90 9.03
C ILE C 13 14.48 1.49 8.72
N ILE C 14 14.31 0.55 7.80
CA ILE C 14 12.99 -0.01 7.48
C ILE C 14 12.20 -0.41 8.73
N ASN C 15 12.87 -1.06 9.67
CA ASN C 15 12.23 -1.51 10.90
C ASN C 15 11.69 -0.39 11.75
N GLU C 16 12.49 0.65 11.99
CA GLU C 16 12.04 1.78 12.80
C GLU C 16 10.90 2.50 12.10
N LEU C 17 11.01 2.62 10.77
CA LEU C 17 10.00 3.30 9.96
C LEU C 17 8.69 2.53 9.87
N SER C 18 8.78 1.23 9.55
CA SER C 18 7.60 0.37 9.46
C SER C 18 6.82 0.38 10.77
N ALA C 19 7.52 0.22 11.89
CA ALA C 19 6.90 0.28 13.22
C ALA C 19 6.16 1.60 13.47
N SER C 20 6.74 2.69 12.97
CA SER C 20 6.18 4.03 13.13
C SER C 20 4.87 4.15 12.33
N VAL C 21 4.90 3.70 11.08
CA VAL C 21 3.72 3.75 10.23
C VAL C 21 2.62 2.78 10.71
N TYR C 22 2.98 1.53 10.94
CA TYR C 22 2.02 0.55 11.39
C TYR C 22 1.34 0.96 12.71
N ASN C 23 2.11 1.52 13.63
CA ASN C 23 1.57 1.92 14.93
C ASN C 23 0.56 3.06 14.84
N ARG C 24 0.78 3.97 13.88
CA ARG C 24 -0.14 5.08 13.66
C ARG C 24 -1.50 4.48 13.33
N VAL C 25 -1.49 3.55 12.38
CA VAL C 25 -2.70 2.92 11.88
C VAL C 25 -3.34 2.06 12.98
N LEU C 26 -2.51 1.30 13.69
CA LEU C 26 -3.00 0.54 14.83
C LEU C 26 -3.71 1.42 15.87
N ASN C 27 -3.05 2.51 16.27
CA ASN C 27 -3.66 3.45 17.21
C ASN C 27 -4.99 3.97 16.73
N TYR C 28 -5.07 4.37 15.46
CA TYR C 28 -6.32 4.91 14.94
C TYR C 28 -7.43 3.87 15.01
N VAL C 29 -7.14 2.65 14.57
CA VAL C 29 -8.11 1.56 14.56
C VAL C 29 -8.62 1.22 15.97
N LEU C 30 -7.70 1.05 16.91
CA LEU C 30 -8.09 0.70 18.28
C LEU C 30 -8.83 1.83 18.98
N ASN C 31 -8.30 3.04 18.89
CA ASN C 31 -8.92 4.20 19.53
C ASN C 31 -10.29 4.60 18.98
N HIS C 32 -10.51 4.38 17.69
CA HIS C 32 -11.81 4.64 17.10
C HIS C 32 -12.72 3.42 17.12
N GLU C 33 -12.24 2.36 17.79
CA GLU C 33 -13.01 1.17 18.09
C GLU C 33 -13.57 0.47 16.84
N LEU C 34 -12.77 0.41 15.79
CA LEU C 34 -13.23 -0.18 14.53
C LEU C 34 -13.10 -1.69 14.55
N ASN C 35 -14.11 -2.37 14.01
CA ASN C 35 -14.09 -3.82 13.87
C ASN C 35 -12.96 -4.25 12.94
N LYS C 36 -11.86 -4.69 13.54
CA LYS C 36 -10.67 -5.17 12.83
C LYS C 36 -10.97 -6.26 11.79
N ASN C 37 -12.14 -6.89 11.91
CA ASN C 37 -12.59 -7.95 11.01
C ASN C 37 -13.34 -7.43 9.76
N ASP C 38 -13.63 -6.13 9.75
CA ASP C 38 -14.35 -5.49 8.66
C ASP C 38 -13.36 -4.79 7.75
N SER C 39 -12.84 -5.54 6.78
CA SER C 39 -11.88 -5.01 5.84
C SER C 39 -12.51 -4.00 4.84
N GLN C 40 -13.80 -3.75 4.98
CA GLN C 40 -14.49 -2.75 4.17
C GLN C 40 -14.17 -1.33 4.66
N LEU C 41 -13.85 -1.21 5.95
CA LEU C 41 -13.46 0.07 6.53
C LEU C 41 -12.08 0.47 6.02
N LEU C 42 -11.98 1.68 5.48
CA LEU C 42 -10.74 2.18 4.89
C LEU C 42 -9.51 2.03 5.80
N GLU C 43 -9.65 2.36 7.08
CA GLU C 43 -8.52 2.33 8.01
C GLU C 43 -8.15 0.90 8.40
N VAL C 44 -9.13 0.02 8.42
CA VAL C 44 -8.91 -1.39 8.70
C VAL C 44 -8.35 -2.11 7.46
N ASN C 45 -8.73 -1.68 6.28
CA ASN C 45 -8.16 -2.22 5.04
C ASN C 45 -6.67 -1.85 4.91
N LEU C 46 -6.33 -0.63 5.30
CA LEU C 46 -4.95 -0.21 5.35
C LEU C 46 -4.17 -1.11 6.29
N LEU C 47 -4.59 -1.20 7.55
CA LEU C 47 -3.93 -2.05 8.54
C LEU C 47 -3.62 -3.43 7.98
N ASN C 48 -4.63 -4.04 7.36
CA ASN C 48 -4.46 -5.40 6.84
C ASN C 48 -3.39 -5.51 5.76
N GLN C 49 -3.29 -4.49 4.91
CA GLN C 49 -2.23 -4.44 3.92
C GLN C 49 -0.87 -4.37 4.58
N LEU C 50 -0.76 -3.53 5.61
CA LEU C 50 0.49 -3.39 6.35
C LEU C 50 0.85 -4.67 7.09
N LYS C 51 -0.15 -5.33 7.69
CA LYS C 51 0.07 -6.64 8.31
C LYS C 51 0.69 -7.55 7.28
N LEU C 52 0.31 -7.33 6.04
CA LEU C 52 0.78 -8.14 4.93
C LEU C 52 2.21 -7.76 4.52
N ALA C 53 2.47 -6.47 4.39
CA ALA C 53 3.79 -5.97 3.99
C ALA C 53 4.84 -6.25 5.06
N LYS C 54 4.45 -6.13 6.32
CA LYS C 54 5.33 -6.38 7.47
C LYS C 54 5.66 -7.87 7.65
N ARG C 55 5.02 -8.74 6.89
CA ARG C 55 5.12 -10.18 7.11
C ARG C 55 6.23 -10.82 6.27
N VAL C 56 7.33 -10.12 6.06
CA VAL C 56 8.39 -10.64 5.20
C VAL C 56 9.74 -10.75 5.90
N ASN C 57 10.57 -11.67 5.42
CA ASN C 57 11.95 -11.77 5.87
C ASN C 57 12.86 -10.84 5.06
N LEU C 58 13.36 -9.80 5.74
CA LEU C 58 14.18 -8.78 5.10
C LEU C 58 15.59 -9.27 4.79
N PHE C 59 16.01 -10.32 5.47
CA PHE C 59 17.38 -10.83 5.31
C PHE C 59 17.55 -11.59 4.00
N ASP C 60 16.45 -11.74 3.27
CA ASP C 60 16.42 -12.54 2.07
C ASP C 60 16.26 -11.68 0.80
N TYR C 61 16.41 -10.38 0.95
CA TYR C 61 16.28 -9.43 -0.17
C TYR C 61 17.59 -8.85 -0.65
N SER C 62 17.63 -8.49 -1.92
CA SER C 62 18.75 -7.74 -2.46
C SER C 62 18.73 -6.31 -1.90
N LEU C 63 19.85 -5.61 -2.02
CA LEU C 63 19.92 -4.20 -1.64
C LEU C 63 18.92 -3.38 -2.46
N GLU C 64 18.83 -3.69 -3.76
CA GLU C 64 17.83 -3.11 -4.65
C GLU C 64 16.42 -3.31 -4.09
N GLU C 65 16.11 -4.55 -3.75
CA GLU C 65 14.81 -4.88 -3.15
C GLU C 65 14.55 -4.15 -1.82
N LEU C 66 15.57 -4.09 -0.97
CA LEU C 66 15.45 -3.38 0.30
C LEU C 66 15.17 -1.89 0.12
N GLN C 67 15.76 -1.28 -0.90
CA GLN C 67 15.51 0.13 -1.19
C GLN C 67 14.07 0.34 -1.64
N ALA C 68 13.59 -0.58 -2.47
CA ALA C 68 12.18 -0.61 -2.87
C ALA C 68 11.30 -0.66 -1.63
N VAL C 69 11.63 -1.53 -0.67
CA VAL C 69 10.84 -1.68 0.56
C VAL C 69 10.94 -0.43 1.44
N HIS C 70 12.13 0.17 1.48
CA HIS C 70 12.28 1.47 2.09
C HIS C 70 11.28 2.43 1.43
N GLU C 71 11.22 2.43 0.10
CA GLU C 71 10.33 3.37 -0.61
C GLU C 71 8.85 3.12 -0.31
N TYR C 72 8.48 1.86 -0.11
CA TYR C 72 7.11 1.50 0.20
C TYR C 72 6.66 2.16 1.48
N TRP C 73 7.44 1.97 2.54
CA TRP C 73 7.09 2.50 3.84
C TRP C 73 7.17 4.02 3.92
N ARG C 74 7.85 4.65 2.94
CA ARG C 74 7.75 6.11 2.81
C ARG C 74 6.40 6.48 2.25
N SER C 75 5.91 5.71 1.28
CA SER C 75 4.56 5.87 0.75
C SER C 75 3.51 5.73 1.84
N MET C 76 3.55 4.61 2.56
CA MET C 76 2.58 4.39 3.63
C MET C 76 2.67 5.46 4.70
N ASN C 77 3.89 5.90 5.02
CA ASN C 77 4.06 7.03 5.91
C ASN C 77 3.29 8.24 5.40
N ARG C 78 3.59 8.66 4.17
CA ARG C 78 2.92 9.80 3.58
C ARG C 78 1.41 9.61 3.55
N TYR C 79 1.00 8.41 3.13
CA TYR C 79 -0.40 8.12 2.93
C TYR C 79 -1.14 8.00 4.26
N SER C 80 -0.62 7.21 5.19
CA SER C 80 -1.23 7.06 6.51
C SER C 80 -1.46 8.39 7.20
N LYS C 81 -0.44 9.25 7.21
CA LYS C 81 -0.55 10.60 7.82
C LYS C 81 -1.66 11.41 7.17
N GLN C 82 -1.77 11.27 5.85
CA GLN C 82 -2.73 12.03 5.05
C GLN C 82 -4.16 11.52 5.20
N VAL C 83 -4.31 10.22 5.43
CA VAL C 83 -5.63 9.59 5.45
C VAL C 83 -6.26 9.58 6.83
N LEU C 84 -5.42 9.50 7.85
CA LEU C 84 -5.88 9.65 9.23
C LEU C 84 -5.89 11.13 9.63
N ASN C 85 -5.67 12.00 8.65
CA ASN C 85 -5.72 13.45 8.85
C ASN C 85 -7.09 14.00 8.48
N LYS C 86 -8.08 13.67 9.32
CA LYS C 86 -9.45 14.13 9.15
C LYS C 86 -9.68 15.49 9.80
N ALA D 2 -2.42 10.76 36.00
CA ALA D 2 -3.33 10.09 35.02
C ALA D 2 -3.25 10.74 33.64
N ASN D 3 -4.41 10.91 33.01
CA ASN D 3 -4.55 11.57 31.70
C ASN D 3 -3.58 11.09 30.61
N ILE D 4 -3.23 12.00 29.69
CA ILE D 4 -2.41 11.71 28.50
C ILE D 4 -1.25 10.69 28.66
N VAL D 5 -0.54 10.72 29.79
CA VAL D 5 0.56 9.77 30.00
C VAL D 5 0.05 8.36 30.36
N ASN D 6 -1.09 8.29 31.04
CA ASN D 6 -1.68 7.00 31.44
C ASN D 6 -2.44 6.31 30.30
N PHE D 7 -2.94 5.10 30.58
CA PHE D 7 -3.70 4.31 29.62
C PHE D 7 -4.42 3.18 30.34
N THR D 8 -5.67 2.91 29.95
CA THR D 8 -6.45 1.86 30.63
C THR D 8 -5.86 0.48 30.34
N ASP D 9 -6.12 -0.47 31.23
CA ASP D 9 -5.62 -1.85 31.10
C ASP D 9 -6.16 -2.48 29.83
N LYS D 10 -7.41 -2.14 29.51
CA LYS D 10 -8.08 -2.52 28.27
C LYS D 10 -7.32 -2.02 27.04
N GLN D 11 -6.83 -0.78 27.09
CA GLN D 11 -6.07 -0.19 25.98
C GLN D 11 -4.74 -0.89 25.76
N PHE D 12 -4.09 -1.24 26.87
CA PHE D 12 -2.83 -1.99 26.86
C PHE D 12 -3.12 -3.40 26.36
N GLU D 13 -4.16 -4.02 26.93
CA GLU D 13 -4.61 -5.35 26.57
C GLU D 13 -4.72 -5.50 25.05
N ASN D 14 -5.45 -4.57 24.43
CA ASN D 14 -5.65 -4.56 22.98
C ASN D 14 -4.35 -4.56 22.19
N ARG D 15 -3.48 -3.61 22.50
CA ARG D 15 -2.19 -3.51 21.81
C ARG D 15 -1.30 -4.74 22.03
N LEU D 16 -1.36 -5.32 23.22
CA LEU D 16 -0.65 -6.56 23.51
C LEU D 16 -1.11 -7.67 22.55
N ASN D 17 -2.43 -7.88 22.47
CA ASN D 17 -3.02 -8.88 21.58
C ASN D 17 -2.52 -8.81 20.13
N ASP D 18 -2.50 -7.61 19.56
CA ASP D 18 -2.00 -7.38 18.21
C ASP D 18 -0.51 -7.74 18.10
N ASN D 19 0.29 -7.19 19.03
CA ASN D 19 1.74 -7.41 19.04
C ASN D 19 2.07 -8.88 19.03
N LEU D 20 1.46 -9.62 19.95
CA LEU D 20 1.61 -11.07 19.99
C LEU D 20 1.15 -11.72 18.69
N GLU D 21 0.05 -11.24 18.13
CA GLU D 21 -0.49 -11.81 16.91
C GLU D 21 0.48 -11.66 15.73
N GLU D 22 1.10 -10.49 15.61
CA GLU D 22 2.10 -10.22 14.59
C GLU D 22 3.34 -11.08 14.79
N LEU D 23 3.78 -11.17 16.03
CA LEU D 23 5.05 -11.79 16.35
C LEU D 23 5.06 -13.30 16.11
N ILE D 24 3.92 -13.95 16.34
CA ILE D 24 3.83 -15.41 16.19
C ILE D 24 3.79 -15.90 14.74
N GLN D 25 3.47 -15.00 13.80
CA GLN D 25 3.47 -15.32 12.37
C GLN D 25 4.59 -16.25 11.95
N GLY D 26 4.23 -17.44 11.48
CA GLY D 26 5.19 -18.42 10.95
C GLY D 26 6.25 -18.84 11.95
N LYS D 27 5.86 -19.03 13.20
CA LYS D 27 6.78 -19.46 14.26
C LYS D 27 6.12 -20.55 15.08
N LYS D 28 6.90 -21.57 15.43
CA LYS D 28 6.46 -22.63 16.30
C LYS D 28 7.17 -22.51 17.64
N ALA D 29 6.56 -23.01 18.70
CA ALA D 29 7.26 -23.17 19.98
C ALA D 29 8.11 -24.44 19.93
N VAL D 30 9.26 -24.39 20.59
CA VAL D 30 10.15 -25.56 20.65
C VAL D 30 10.32 -26.03 22.10
N GLU D 31 11.01 -27.15 22.30
CA GLU D 31 11.19 -27.74 23.62
C GLU D 31 12.49 -27.32 24.30
N SER D 32 13.47 -26.94 23.50
CA SER D 32 14.67 -26.31 24.03
C SER D 32 14.71 -24.86 23.52
N PRO D 33 13.86 -23.98 24.11
CA PRO D 33 13.80 -22.62 23.59
C PRO D 33 15.07 -21.87 23.95
N THR D 34 15.57 -21.09 23.00
CA THR D 34 16.80 -20.36 23.19
C THR D 34 16.51 -18.86 23.15
N ALA D 35 16.95 -18.14 24.18
CA ALA D 35 16.84 -16.69 24.18
C ALA D 35 18.19 -16.04 23.93
N PHE D 36 18.25 -15.19 22.91
CA PHE D 36 19.46 -14.48 22.54
C PHE D 36 19.33 -13.04 23.01
N LEU D 37 20.16 -12.63 23.98
CA LEU D 37 20.10 -11.24 24.42
C LEU D 37 21.12 -10.40 23.67
N LEU D 38 20.67 -9.32 23.05
CA LEU D 38 21.57 -8.53 22.21
C LEU D 38 22.35 -7.51 23.02
N GLY D 39 23.55 -7.20 22.52
CA GLY D 39 24.44 -6.21 23.12
C GLY D 39 25.10 -5.35 22.06
N GLY D 40 25.51 -4.15 22.47
CA GLY D 40 26.23 -3.23 21.61
C GLY D 40 25.82 -1.79 21.80
N GLN D 41 26.80 -0.89 21.69
CA GLN D 41 26.54 0.53 21.75
C GLN D 41 25.65 0.97 20.57
N PRO D 42 24.89 2.07 20.74
CA PRO D 42 24.08 2.60 19.63
C PRO D 42 24.95 2.90 18.41
N GLY D 43 24.45 2.57 17.22
CA GLY D 43 25.24 2.72 16.00
C GLY D 43 26.12 1.52 15.66
N SER D 44 26.18 0.54 16.57
CA SER D 44 26.91 -0.72 16.35
C SER D 44 26.45 -1.40 15.07
N GLY D 45 25.13 -1.43 14.89
CA GLY D 45 24.49 -2.21 13.84
C GLY D 45 24.11 -3.58 14.36
N LYS D 46 23.42 -3.64 15.50
CA LYS D 46 22.99 -4.91 16.11
C LYS D 46 22.04 -5.72 15.22
N THR D 47 21.57 -5.10 14.14
CA THR D 47 20.76 -5.80 13.15
C THR D 47 21.55 -6.97 12.52
N SER D 48 22.87 -6.77 12.36
CA SER D 48 23.79 -7.83 11.94
C SER D 48 23.62 -9.10 12.75
N LEU D 49 23.43 -8.94 14.05
CA LEU D 49 23.23 -10.06 14.97
C LEU D 49 21.92 -10.79 14.69
N ARG D 50 20.84 -10.01 14.47
CA ARG D 50 19.53 -10.57 14.15
C ARG D 50 19.61 -11.54 12.96
N SER D 51 20.42 -11.19 11.97
CA SER D 51 20.54 -12.00 10.76
C SER D 51 21.34 -13.27 11.04
N ALA D 52 22.30 -13.17 11.96
CA ALA D 52 23.11 -14.33 12.36
C ALA D 52 22.24 -15.30 13.15
N ILE D 53 21.36 -14.75 14.00
CA ILE D 53 20.47 -15.56 14.81
C ILE D 53 19.31 -16.12 13.97
N PHE D 54 18.84 -15.35 12.98
CA PHE D 54 17.81 -15.84 12.06
C PHE D 54 18.30 -17.09 11.32
N GLU D 55 19.54 -17.01 10.86
CA GLU D 55 20.25 -18.11 10.22
C GLU D 55 20.43 -19.30 11.15
N GLU D 56 20.94 -19.05 12.36
CA GLU D 56 21.19 -20.11 13.35
C GLU D 56 19.94 -20.90 13.73
N THR D 57 18.80 -20.22 13.78
CA THR D 57 17.56 -20.83 14.19
C THR D 57 16.69 -21.16 12.97
N GLN D 58 17.24 -20.89 11.79
CA GLN D 58 16.56 -21.11 10.51
C GLN D 58 15.15 -20.51 10.47
N GLY D 59 15.03 -19.26 10.91
CA GLY D 59 13.78 -18.50 10.77
C GLY D 59 12.77 -18.60 11.91
N ASN D 60 12.95 -19.58 12.79
CA ASN D 60 12.02 -19.80 13.90
C ASN D 60 12.47 -19.05 15.16
N VAL D 61 12.48 -17.72 15.07
CA VAL D 61 12.88 -16.87 16.20
C VAL D 61 12.09 -15.55 16.15
N ILE D 62 11.71 -15.05 17.32
CA ILE D 62 10.87 -13.85 17.44
C ILE D 62 11.65 -12.67 18.05
N VAL D 63 11.65 -11.55 17.35
CA VAL D 63 12.42 -10.38 17.79
C VAL D 63 11.59 -9.44 18.69
N ILE D 64 12.09 -9.20 19.89
CA ILE D 64 11.41 -8.29 20.82
C ILE D 64 12.21 -7.00 21.00
N ASP D 65 11.74 -5.94 20.34
CA ASP D 65 12.48 -4.68 20.24
C ASP D 65 11.72 -3.52 20.91
N ASN D 66 12.17 -3.13 22.09
CA ASN D 66 11.50 -2.12 22.92
C ASN D 66 11.08 -0.86 22.14
N ASP D 67 11.94 -0.42 21.22
CA ASP D 67 11.70 0.77 20.40
C ASP D 67 10.43 0.72 19.57
N THR D 68 10.09 -0.46 19.07
CA THR D 68 8.94 -0.59 18.17
C THR D 68 7.59 -0.36 18.87
N PHE D 69 7.61 -0.10 20.17
CA PHE D 69 6.38 0.13 20.90
C PHE D 69 6.24 1.57 21.33
N LYS D 70 7.32 2.33 21.21
CA LYS D 70 7.30 3.75 21.58
C LYS D 70 6.08 4.50 21.05
N GLN D 71 5.84 4.40 19.74
CA GLN D 71 4.73 5.10 19.08
C GLN D 71 3.37 4.42 19.25
N GLN D 72 3.32 3.39 20.10
CA GLN D 72 2.12 2.59 20.26
C GLN D 72 1.30 3.04 21.47
N HIS D 73 1.81 3.99 22.23
CA HIS D 73 1.07 4.62 23.32
C HIS D 73 -0.25 5.16 22.80
N PRO D 74 -1.39 4.72 23.37
CA PRO D 74 -2.71 5.13 22.90
C PRO D 74 -2.78 6.61 22.54
N ASN D 75 -2.16 7.44 23.37
CA ASN D 75 -2.31 8.89 23.26
C ASN D 75 -1.15 9.58 22.55
N PHE D 76 -0.22 8.78 22.01
CA PHE D 76 0.98 9.30 21.36
C PHE D 76 0.70 10.54 20.50
N ASP D 77 -0.34 10.48 19.67
CA ASP D 77 -0.74 11.61 18.84
C ASP D 77 -0.81 12.93 19.61
N GLU D 78 -1.55 12.91 20.73
CA GLU D 78 -1.67 14.07 21.63
C GLU D 78 -0.34 14.44 22.31
N LEU D 79 0.52 13.45 22.53
CA LEU D 79 1.81 13.66 23.20
C LEU D 79 2.90 14.26 22.30
N VAL D 80 2.56 14.53 21.04
CA VAL D 80 3.48 15.23 20.12
C VAL D 80 3.00 16.66 19.90
N LYS D 81 1.68 16.85 19.89
CA LYS D 81 1.08 18.18 19.86
C LYS D 81 1.48 18.96 21.11
N LEU D 82 2.21 18.29 22.01
CA LEU D 82 2.66 18.88 23.28
C LEU D 82 4.18 18.94 23.39
N TYR D 83 4.84 17.82 23.16
CA TYR D 83 6.27 17.66 23.49
C TYR D 83 7.20 17.49 22.29
N GLU D 84 6.61 17.50 21.10
CA GLU D 84 7.34 17.32 19.82
C GLU D 84 8.60 16.43 19.92
N LYS D 85 9.78 16.98 19.62
CA LYS D 85 11.01 16.17 19.58
C LYS D 85 11.42 15.60 20.94
N ASP D 86 10.96 16.23 22.02
CA ASP D 86 11.24 15.80 23.39
C ASP D 86 10.07 14.97 23.95
N VAL D 87 9.70 13.93 23.20
CA VAL D 87 8.55 13.09 23.52
C VAL D 87 8.98 11.74 24.07
N VAL D 88 10.14 11.29 23.63
CA VAL D 88 10.66 9.95 23.95
C VAL D 88 10.54 9.60 25.43
N LYS D 89 11.08 10.47 26.28
CA LYS D 89 10.99 10.29 27.73
C LYS D 89 9.59 9.88 28.19
N HIS D 90 8.58 10.63 27.76
CA HIS D 90 7.18 10.46 28.18
C HIS D 90 6.55 9.10 27.89
N VAL D 91 6.99 8.44 26.82
CA VAL D 91 6.37 7.17 26.37
C VAL D 91 7.15 5.93 26.79
N THR D 92 8.36 6.12 27.29
CA THR D 92 9.20 5.01 27.69
C THR D 92 8.57 4.12 28.77
N PRO D 93 7.93 4.72 29.81
CA PRO D 93 7.13 3.91 30.72
C PRO D 93 6.27 2.86 30.02
N TYR D 94 5.42 3.31 29.10
CA TYR D 94 4.60 2.41 28.29
C TYR D 94 5.43 1.29 27.65
N SER D 95 6.38 1.67 26.79
CA SER D 95 7.13 0.69 25.98
C SER D 95 7.90 -0.35 26.80
N ASN D 96 8.34 0.02 27.99
CA ASN D 96 9.00 -0.91 28.90
C ASN D 96 8.01 -1.97 29.42
N ARG D 97 6.84 -1.51 29.88
CA ARG D 97 5.77 -2.40 30.33
C ARG D 97 5.35 -3.40 29.24
N MET D 98 5.15 -2.89 28.02
CA MET D 98 4.79 -3.74 26.88
C MET D 98 5.81 -4.86 26.63
N THR D 99 7.06 -4.46 26.42
CA THR D 99 8.17 -5.39 26.19
C THR D 99 8.20 -6.51 27.23
N GLU D 100 8.07 -6.13 28.50
CA GLU D 100 8.08 -7.09 29.60
C GLU D 100 6.85 -8.02 29.63
N ALA D 101 5.72 -7.55 29.10
CA ALA D 101 4.55 -8.41 28.98
C ALA D 101 4.70 -9.35 27.78
N ILE D 102 5.32 -8.86 26.71
CA ILE D 102 5.61 -9.67 25.54
C ILE D 102 6.62 -10.76 25.89
N ILE D 103 7.80 -10.36 26.36
CA ILE D 103 8.81 -11.30 26.84
C ILE D 103 8.18 -12.33 27.77
N SER D 104 7.28 -11.86 28.63
CA SER D 104 6.57 -12.73 29.56
C SER D 104 5.68 -13.77 28.87
N ARG D 105 4.68 -13.33 28.13
CA ARG D 105 3.72 -14.28 27.55
C ARG D 105 4.37 -15.21 26.52
N LEU D 106 5.29 -14.67 25.72
CA LEU D 106 5.97 -15.47 24.70
C LEU D 106 6.88 -16.54 25.29
N SER D 107 7.46 -16.25 26.46
CA SER D 107 8.31 -17.22 27.13
C SER D 107 7.50 -18.28 27.89
N ASP D 108 6.24 -17.99 28.21
CA ASP D 108 5.31 -18.99 28.78
C ASP D 108 5.09 -20.13 27.79
N GLN D 109 5.01 -19.77 26.51
CA GLN D 109 4.73 -20.72 25.42
C GLN D 109 6.01 -21.33 24.85
N GLY D 110 7.14 -20.68 25.07
CA GLY D 110 8.45 -21.23 24.70
C GLY D 110 8.87 -21.09 23.25
N TYR D 111 8.63 -19.93 22.66
CA TYR D 111 9.17 -19.57 21.35
C TYR D 111 10.62 -19.14 21.51
N ASN D 112 11.43 -19.35 20.47
CA ASN D 112 12.79 -18.81 20.42
C ASN D 112 12.81 -17.30 20.35
N LEU D 113 13.61 -16.67 21.21
CA LEU D 113 13.55 -15.22 21.40
C LEU D 113 14.87 -14.49 21.11
N VAL D 114 14.75 -13.36 20.42
CA VAL D 114 15.85 -12.40 20.29
C VAL D 114 15.37 -11.17 21.04
N ILE D 115 16.12 -10.77 22.06
CA ILE D 115 15.75 -9.62 22.86
C ILE D 115 16.75 -8.47 22.66
N GLU D 116 16.24 -7.39 22.09
CA GLU D 116 17.03 -6.20 21.78
C GLU D 116 17.52 -5.51 23.05
N GLY D 117 18.83 -5.32 23.14
CA GLY D 117 19.47 -4.66 24.28
C GLY D 117 20.80 -4.01 23.90
N THR D 118 21.31 -3.14 24.76
CA THR D 118 22.59 -2.49 24.49
C THR D 118 23.74 -3.04 25.32
N GLY D 119 23.40 -3.55 26.50
CA GLY D 119 24.38 -4.03 27.47
C GLY D 119 24.95 -2.91 28.31
N ARG D 120 24.24 -1.79 28.40
CA ARG D 120 24.66 -0.66 29.23
C ARG D 120 24.75 -1.09 30.72
N THR D 121 23.85 -1.97 31.11
CA THR D 121 23.74 -2.47 32.49
C THR D 121 23.96 -3.97 32.58
N THR D 122 24.46 -4.41 33.72
CA THR D 122 24.48 -5.83 34.05
C THR D 122 23.10 -6.27 34.56
N ASP D 123 22.45 -5.38 35.32
CA ASP D 123 21.10 -5.60 35.90
C ASP D 123 20.09 -6.24 34.97
N VAL D 124 19.86 -5.61 33.82
CA VAL D 124 18.80 -6.02 32.90
C VAL D 124 18.99 -7.42 32.30
N PRO D 125 20.13 -7.67 31.59
CA PRO D 125 20.34 -9.02 31.05
C PRO D 125 20.36 -10.11 32.12
N ILE D 126 21.06 -9.88 33.24
CA ILE D 126 21.08 -10.84 34.36
C ILE D 126 19.67 -11.12 34.84
N GLN D 127 18.90 -10.07 35.08
CA GLN D 127 17.53 -10.22 35.51
C GLN D 127 16.70 -10.96 34.45
N THR D 128 16.94 -10.66 33.18
CA THR D 128 16.21 -11.33 32.11
C THR D 128 16.60 -12.80 31.99
N ALA D 129 17.91 -13.06 32.00
CA ALA D 129 18.44 -14.40 31.77
C ALA D 129 17.98 -15.37 32.86
N THR D 130 17.97 -14.88 34.11
CA THR D 130 17.57 -15.67 35.27
C THR D 130 16.07 -15.95 35.24
N MET D 131 15.30 -14.95 34.81
CA MET D 131 13.86 -15.10 34.69
C MET D 131 13.58 -16.20 33.67
N LEU D 132 14.28 -16.15 32.53
CA LEU D 132 14.11 -17.09 31.43
C LEU D 132 14.59 -18.51 31.72
N GLN D 133 15.67 -18.64 32.49
CA GLN D 133 16.23 -19.96 32.78
C GLN D 133 15.32 -20.80 33.67
N ALA D 134 14.69 -20.15 34.64
CA ALA D 134 13.74 -20.82 35.54
C ALA D 134 12.43 -21.06 34.82
N LYS D 135 12.53 -21.24 33.51
CA LYS D 135 11.39 -21.37 32.62
C LYS D 135 11.73 -22.31 31.45
N GLY D 136 12.99 -22.77 31.43
CA GLY D 136 13.45 -23.80 30.49
C GLY D 136 14.31 -23.29 29.37
N TYR D 137 14.63 -22.00 29.41
CA TYR D 137 15.40 -21.36 28.33
C TYR D 137 16.91 -21.55 28.47
N GLU D 138 17.55 -21.82 27.35
CA GLU D 138 18.98 -21.66 27.21
C GLU D 138 19.19 -20.17 26.88
N THR D 139 20.17 -19.51 27.52
CA THR D 139 20.39 -18.07 27.28
C THR D 139 21.79 -17.71 26.81
N LYS D 140 21.85 -16.98 25.70
CA LYS D 140 23.10 -16.57 25.07
C LYS D 140 23.15 -15.05 24.95
N MET D 141 24.33 -14.52 24.67
CA MET D 141 24.45 -13.08 24.47
C MET D 141 25.41 -12.72 23.34
N TYR D 142 24.84 -12.20 22.26
CA TYR D 142 25.61 -11.84 21.09
C TYR D 142 25.73 -10.34 21.09
N VAL D 143 26.96 -9.85 20.96
CA VAL D 143 27.26 -8.43 21.15
C VAL D 143 28.13 -7.92 19.99
N MET D 144 27.85 -6.72 19.49
CA MET D 144 28.66 -6.12 18.43
C MET D 144 30.01 -5.64 18.95
N ALA D 145 31.06 -5.95 18.18
CA ALA D 145 32.40 -5.49 18.51
C ALA D 145 32.90 -4.54 17.41
N VAL D 146 32.65 -3.26 17.64
CA VAL D 146 32.74 -2.26 16.58
C VAL D 146 33.51 -1.02 17.05
N PRO D 147 34.40 -0.49 16.19
CA PRO D 147 35.15 0.73 16.48
C PRO D 147 34.25 1.88 16.91
N LYS D 148 34.65 2.55 17.99
CA LYS D 148 33.85 3.62 18.57
C LYS D 148 33.56 4.72 17.56
N ILE D 149 34.54 5.02 16.70
CA ILE D 149 34.39 6.04 15.66
C ILE D 149 33.32 5.64 14.62
N ASN D 150 33.33 4.35 14.25
CA ASN D 150 32.39 3.82 13.28
C ASN D 150 30.96 3.80 13.80
N SER D 151 30.79 3.36 15.05
CA SER D 151 29.49 3.36 15.72
C SER D 151 28.96 4.77 16.01
N TYR D 152 29.84 5.67 16.41
CA TYR D 152 29.47 7.07 16.58
C TYR D 152 29.02 7.69 15.25
N LEU D 153 29.70 7.34 14.16
CA LEU D 153 29.30 7.75 12.82
C LEU D 153 27.96 7.13 12.43
N GLY D 154 27.76 5.87 12.83
CA GLY D 154 26.49 5.15 12.60
C GLY D 154 25.27 5.84 13.20
N THR D 155 25.40 6.35 14.42
CA THR D 155 24.33 7.11 15.09
C THR D 155 24.00 8.38 14.32
N ILE D 156 25.04 9.04 13.82
CA ILE D 156 24.92 10.25 13.01
C ILE D 156 24.20 9.95 11.70
N GLU D 157 24.63 8.89 11.00
CA GLU D 157 24.00 8.52 9.74
C GLU D 157 22.52 8.16 9.93
N ARG D 158 22.26 7.27 10.89
CA ARG D 158 20.90 6.84 11.21
C ARG D 158 19.93 8.01 11.38
N TYR D 159 20.26 8.93 12.29
CA TYR D 159 19.48 10.15 12.48
C TYR D 159 19.28 10.95 11.18
N GLU D 160 20.34 11.07 10.38
CA GLU D 160 20.28 11.88 9.17
C GLU D 160 19.37 11.26 8.11
N THR D 161 19.33 9.92 8.06
CA THR D 161 18.46 9.20 7.14
C THR D 161 16.98 9.31 7.57
N MET D 162 16.74 9.19 8.88
CA MET D 162 15.41 9.34 9.43
C MET D 162 14.89 10.78 9.37
N TYR D 163 15.80 11.74 9.30
CA TYR D 163 15.41 13.13 9.10
C TYR D 163 14.86 13.26 7.69
N ALA D 164 15.50 12.59 6.74
CA ALA D 164 15.05 12.58 5.33
C ALA D 164 13.72 11.85 5.13
N ASP D 165 13.46 10.83 5.96
CA ASP D 165 12.17 10.14 5.97
C ASP D 165 11.10 11.03 6.55
N ASP D 166 11.29 11.41 7.81
CA ASP D 166 10.32 12.20 8.54
C ASP D 166 11.03 13.24 9.40
N PRO D 167 11.09 14.49 8.93
CA PRO D 167 11.76 15.58 9.65
C PRO D 167 11.22 15.78 11.07
N MET D 168 10.07 15.19 11.38
CA MET D 168 9.42 15.34 12.68
C MET D 168 9.78 14.21 13.66
N THR D 169 9.92 12.99 13.15
CA THR D 169 10.23 11.84 14.01
C THR D 169 11.68 11.85 14.51
N ALA D 170 12.56 12.45 13.70
CA ALA D 170 14.00 12.35 13.91
C ALA D 170 14.48 13.00 15.21
N ARG D 171 15.30 12.24 15.95
CA ARG D 171 16.01 12.74 17.12
C ARG D 171 17.30 11.94 17.30
N ALA D 172 18.42 12.65 17.43
CA ALA D 172 19.73 12.02 17.45
C ALA D 172 20.04 11.33 18.78
N THR D 173 20.95 10.36 18.76
CA THR D 173 21.46 9.74 19.98
C THR D 173 22.48 10.71 20.57
N PRO D 174 22.27 11.12 21.84
CA PRO D 174 23.29 11.92 22.54
C PRO D 174 24.65 11.20 22.57
N LYS D 175 25.71 11.92 22.19
CA LYS D 175 27.07 11.36 22.17
C LYS D 175 27.42 10.67 23.49
N GLN D 176 26.95 11.24 24.61
CA GLN D 176 27.18 10.66 25.94
C GLN D 176 26.47 9.31 26.10
N ALA D 177 25.28 9.17 25.50
CA ALA D 177 24.56 7.91 25.52
C ALA D 177 25.31 6.82 24.76
N HIS D 178 25.91 7.18 23.63
CA HIS D 178 26.77 6.27 22.90
C HIS D 178 28.02 5.95 23.71
N ASP D 179 28.69 7.00 24.19
CA ASP D 179 29.99 6.89 24.87
C ASP D 179 29.94 6.20 26.24
N ILE D 180 28.75 6.12 26.84
CA ILE D 180 28.58 5.41 28.11
C ILE D 180 28.57 3.89 27.92
N VAL D 181 27.81 3.43 26.92
CA VAL D 181 27.76 2.01 26.58
C VAL D 181 29.17 1.49 26.22
N VAL D 182 29.94 2.33 25.52
CA VAL D 182 31.33 2.01 25.14
C VAL D 182 32.23 1.91 26.38
N LYS D 183 32.09 2.86 27.30
CA LYS D 183 32.87 2.88 28.55
C LYS D 183 32.52 1.69 29.48
N ASN D 184 31.25 1.27 29.44
CA ASN D 184 30.75 0.24 30.36
C ASN D 184 30.78 -1.21 29.84
N LEU D 185 30.58 -1.37 28.54
CA LEU D 185 30.31 -2.69 27.97
C LEU D 185 31.41 -3.76 28.18
N PRO D 186 32.71 -3.44 27.93
CA PRO D 186 33.73 -4.48 28.12
C PRO D 186 33.64 -5.14 29.50
N THR D 187 33.56 -4.31 30.54
CA THR D 187 33.51 -4.73 31.94
C THR D 187 32.21 -5.47 32.27
N ASN D 188 31.10 -4.97 31.73
CA ASN D 188 29.80 -5.63 31.88
C ASN D 188 29.77 -7.06 31.33
N LEU D 189 30.44 -7.29 30.22
CA LEU D 189 30.50 -8.62 29.61
C LEU D 189 31.33 -9.60 30.42
N GLU D 190 32.38 -9.09 31.08
CA GLU D 190 33.18 -9.90 31.98
C GLU D 190 32.37 -10.28 33.21
N THR D 191 31.64 -9.32 33.77
CA THR D 191 30.75 -9.60 34.90
C THR D 191 29.70 -10.65 34.53
N LEU D 192 29.16 -10.54 33.31
CA LEU D 192 28.21 -11.55 32.81
C LEU D 192 28.91 -12.91 32.62
N HIS D 193 30.08 -12.90 31.99
CA HIS D 193 30.90 -14.10 31.82
C HIS D 193 31.00 -14.85 33.16
N LYS D 194 31.32 -14.11 34.23
CA LYS D 194 31.48 -14.66 35.58
C LYS D 194 30.22 -15.27 36.21
N THR D 195 29.04 -14.82 35.76
CA THR D 195 27.78 -15.35 36.31
C THR D 195 27.48 -16.76 35.81
N GLY D 196 28.12 -17.14 34.71
CA GLY D 196 27.87 -18.43 34.08
C GLY D 196 26.40 -18.65 33.77
N LEU D 197 25.68 -17.57 33.50
CA LEU D 197 24.27 -17.67 33.10
C LEU D 197 24.15 -17.95 31.62
N PHE D 198 25.21 -17.63 30.89
CA PHE D 198 25.20 -17.73 29.43
C PHE D 198 26.02 -18.90 28.93
N SER D 199 25.43 -19.69 28.03
CA SER D 199 26.10 -20.86 27.48
C SER D 199 27.12 -20.43 26.42
N ASP D 200 26.91 -19.24 25.87
CA ASP D 200 27.82 -18.66 24.87
C ASP D 200 27.69 -17.14 24.82
N ILE D 201 28.79 -16.44 25.00
CA ILE D 201 28.86 -15.01 24.71
C ILE D 201 29.70 -14.82 23.43
N ARG D 202 29.13 -14.15 22.44
CA ARG D 202 29.82 -13.96 21.16
C ARG D 202 30.07 -12.51 20.81
N LEU D 203 31.19 -12.26 20.13
CA LEU D 203 31.46 -10.94 19.59
C LEU D 203 31.45 -11.01 18.06
N TYR D 204 30.64 -10.17 17.43
CA TYR D 204 30.55 -10.11 15.98
C TYR D 204 30.97 -8.75 15.49
N ASN D 205 31.72 -8.71 14.39
CA ASN D 205 31.99 -7.45 13.72
C ASN D 205 30.86 -7.09 12.75
N ARG D 206 31.00 -5.98 12.04
CA ARG D 206 29.92 -5.53 11.19
C ARG D 206 29.55 -6.50 10.06
N GLU D 207 30.53 -7.28 9.61
CA GLU D 207 30.33 -8.21 8.49
C GLU D 207 29.79 -9.60 8.91
N GLY D 208 29.30 -9.71 10.14
CA GLY D 208 28.75 -10.96 10.68
C GLY D 208 29.80 -11.98 11.10
N VAL D 209 31.06 -11.54 11.16
CA VAL D 209 32.21 -12.40 11.49
C VAL D 209 32.47 -12.55 13.00
N LYS D 210 32.37 -13.79 13.49
CA LYS D 210 32.56 -14.12 14.90
C LYS D 210 33.99 -13.82 15.37
N LEU D 211 34.13 -12.95 16.37
CA LEU D 211 35.47 -12.57 16.84
C LEU D 211 35.80 -13.26 18.15
N TYR D 212 34.77 -13.72 18.85
CA TYR D 212 34.92 -14.31 20.17
C TYR D 212 33.72 -15.20 20.47
N SER D 213 33.97 -16.27 21.22
CA SER D 213 32.94 -17.16 21.71
C SER D 213 33.42 -17.70 23.04
N SER D 214 32.67 -17.42 24.11
CA SER D 214 33.04 -17.91 25.44
C SER D 214 32.93 -19.43 25.51
N LEU D 215 32.06 -20.01 24.67
CA LEU D 215 31.92 -21.46 24.61
C LEU D 215 33.15 -22.08 23.99
N GLU D 216 33.70 -21.41 22.98
CA GLU D 216 34.89 -21.89 22.28
C GLU D 216 36.16 -21.68 23.11
N THR D 217 36.18 -20.56 23.85
CA THR D 217 37.36 -20.14 24.61
C THR D 217 37.00 -19.79 26.07
N PRO D 218 36.62 -20.79 26.89
CA PRO D 218 36.04 -20.55 28.23
C PRO D 218 36.90 -19.80 29.28
N SER D 219 38.22 -19.79 29.12
CA SER D 219 39.06 -19.07 30.08
C SER D 219 39.48 -17.68 29.62
N ILE D 220 39.08 -17.30 28.40
CA ILE D 220 39.36 -15.96 27.91
C ILE D 220 38.18 -15.04 28.17
N SER D 221 38.50 -13.86 28.70
CA SER D 221 37.52 -12.80 28.92
C SER D 221 37.10 -12.17 27.59
N PRO D 222 35.83 -11.74 27.49
CA PRO D 222 35.38 -10.98 26.32
C PRO D 222 35.98 -9.57 26.30
N LYS D 223 36.47 -9.15 27.47
CA LYS D 223 36.84 -7.76 27.76
C LYS D 223 38.01 -7.22 26.92
N GLU D 224 39.16 -7.90 26.98
CA GLU D 224 40.34 -7.46 26.22
C GLU D 224 40.02 -7.40 24.73
N THR D 225 39.32 -8.41 24.25
CA THR D 225 39.02 -8.57 22.83
C THR D 225 38.08 -7.47 22.34
N LEU D 226 37.12 -7.08 23.19
CA LEU D 226 36.18 -6.04 22.83
C LEU D 226 36.84 -4.67 22.85
N GLU D 227 37.59 -4.38 23.91
CA GLU D 227 38.32 -3.12 24.04
C GLU D 227 39.16 -2.89 22.79
N LYS D 228 39.86 -3.94 22.38
CA LYS D 228 40.76 -3.86 21.24
C LYS D 228 40.02 -3.41 19.98
N GLU D 229 38.82 -3.95 19.75
CA GLU D 229 38.03 -3.53 18.60
C GLU D 229 37.43 -2.15 18.78
N LEU D 230 36.82 -1.93 19.95
CA LEU D 230 36.29 -0.62 20.32
C LEU D 230 37.29 0.48 20.06
N ASN D 231 38.55 0.24 20.43
CA ASN D 231 39.61 1.25 20.36
C ASN D 231 40.40 1.27 19.05
N ARG D 232 40.37 0.15 18.32
CA ARG D 232 41.07 0.00 17.05
C ARG D 232 40.92 1.26 16.19
N LYS D 233 42.04 1.80 15.70
CA LYS D 233 41.95 3.00 14.85
C LYS D 233 41.67 2.67 13.37
N VAL D 234 40.76 3.44 12.78
CA VAL D 234 40.24 3.19 11.44
C VAL D 234 40.99 4.02 10.41
N SER D 235 41.46 3.36 9.35
CA SER D 235 42.20 3.99 8.26
C SER D 235 41.30 4.91 7.42
N GLY D 236 41.91 5.97 6.87
CA GLY D 236 41.22 6.89 5.96
C GLY D 236 40.68 6.15 4.74
N LYS D 237 41.42 5.12 4.34
CA LYS D 237 41.02 4.10 3.39
C LYS D 237 39.58 3.62 3.66
N GLU D 238 39.39 3.11 4.88
CA GLU D 238 38.15 2.47 5.31
C GLU D 238 37.03 3.48 5.60
N ILE D 239 37.40 4.61 6.20
CA ILE D 239 36.45 5.61 6.66
C ILE D 239 35.99 6.56 5.53
N GLN D 240 36.72 6.52 4.41
CA GLN D 240 36.44 7.33 3.21
C GLN D 240 34.96 7.34 2.75
N PRO D 241 34.37 6.15 2.48
CA PRO D 241 32.98 6.13 1.97
C PRO D 241 31.97 6.65 2.99
N THR D 242 32.08 6.18 4.24
CA THR D 242 31.16 6.57 5.32
C THR D 242 31.06 8.09 5.46
N LEU D 243 32.21 8.76 5.50
CA LEU D 243 32.27 10.22 5.54
C LEU D 243 31.54 10.86 4.36
N GLU D 244 31.91 10.45 3.14
CA GLU D 244 31.30 10.97 1.90
C GLU D 244 29.79 10.86 1.90
N ARG D 245 29.29 9.73 2.41
CA ARG D 245 27.87 9.38 2.39
C ARG D 245 27.04 10.24 3.35
N ILE D 246 27.57 10.45 4.55
CA ILE D 246 26.91 11.26 5.57
C ILE D 246 26.93 12.74 5.17
N GLU D 247 28.07 13.18 4.63
CA GLU D 247 28.24 14.53 4.12
C GLU D 247 27.14 14.86 3.10
N GLN D 248 27.01 13.99 2.10
CA GLN D 248 26.03 14.20 1.01
C GLN D 248 24.57 14.05 1.45
N LYS D 249 24.34 13.28 2.52
CA LYS D 249 23.02 13.19 3.14
C LYS D 249 22.71 14.45 3.93
N MET D 250 23.74 15.10 4.46
CA MET D 250 23.56 16.29 5.30
C MET D 250 23.33 17.57 4.51
N VAL D 251 23.56 17.53 3.21
CA VAL D 251 23.28 18.67 2.35
C VAL D 251 21.79 18.70 2.06
N LEU D 252 21.20 17.51 1.87
CA LEU D 252 19.78 17.38 1.58
C LEU D 252 18.96 17.74 2.82
N ASN D 253 19.46 17.29 3.97
CA ASN D 253 18.88 17.61 5.28
C ASN D 253 19.17 19.05 5.70
N LYS D 254 20.05 19.71 4.94
CA LYS D 254 20.45 21.11 5.15
C LYS D 254 21.13 21.36 6.51
N HIS D 255 22.08 20.48 6.84
CA HIS D 255 22.77 20.49 8.14
C HIS D 255 24.28 20.82 8.11
N GLN D 256 24.73 21.66 7.16
CA GLN D 256 26.14 22.07 7.09
C GLN D 256 26.62 22.74 8.39
N GLU D 257 25.78 23.60 8.94
CA GLU D 257 26.12 24.40 10.12
C GLU D 257 25.97 23.63 11.43
N THR D 258 26.51 22.41 11.47
CA THR D 258 26.59 21.63 12.71
C THR D 258 28.04 21.26 12.97
N PRO D 259 28.45 21.18 14.26
CA PRO D 259 29.78 20.72 14.65
C PRO D 259 30.12 19.33 14.11
N GLU D 260 29.12 18.47 13.99
CA GLU D 260 29.32 17.12 13.43
C GLU D 260 29.75 17.17 11.96
N PHE D 261 29.06 17.97 11.16
CA PHE D 261 29.40 18.18 9.74
C PHE D 261 30.74 18.88 9.55
N LYS D 262 31.00 19.89 10.39
CA LYS D 262 32.25 20.62 10.35
C LYS D 262 33.44 19.77 10.77
N ALA D 263 33.19 18.76 11.60
CA ALA D 263 34.20 17.78 12.00
C ALA D 263 34.46 16.74 10.92
N ILE D 264 33.45 16.48 10.07
CA ILE D 264 33.63 15.61 8.90
C ILE D 264 34.51 16.30 7.86
N GLN D 265 34.28 17.60 7.66
CA GLN D 265 35.09 18.39 6.73
C GLN D 265 36.58 18.34 7.08
N GLN D 266 36.88 18.40 8.39
CA GLN D 266 38.27 18.41 8.86
C GLN D 266 38.89 17.01 8.91
N LYS D 267 38.08 15.99 8.68
CA LYS D 267 38.57 14.63 8.51
C LYS D 267 38.74 14.36 7.01
N LEU D 268 37.81 14.89 6.21
CA LEU D 268 37.88 14.82 4.76
C LEU D 268 38.99 15.71 4.17
N GLU D 269 39.36 16.78 4.88
CA GLU D 269 40.44 17.68 4.45
C GLU D 269 41.83 17.13 4.80
N SER D 270 41.93 16.46 5.94
CA SER D 270 43.19 15.86 6.40
C SER D 270 43.59 14.66 5.54
N LEU D 271 42.69 14.26 4.63
CA LEU D 271 42.89 13.10 3.76
C LEU D 271 42.70 13.44 2.27
N GLN D 272 43.23 14.58 1.84
CA GLN D 272 43.12 15.02 0.44
C GLN D 272 44.38 15.71 -0.04
S SO4 E . -19.43 7.09 -18.53
O1 SO4 E . -20.39 7.24 -19.62
O2 SO4 E . -19.25 8.37 -17.84
O3 SO4 E . -19.95 6.10 -17.59
O4 SO4 E . -18.15 6.64 -19.07
S SO4 F . 22.01 -0.48 16.17
O1 SO4 F . 23.15 -1.12 16.82
O2 SO4 F . 22.22 0.96 16.10
O3 SO4 F . 21.83 -1.00 14.80
O4 SO4 F . 20.80 -0.78 16.95
C1' UD1 G . 17.13 1.96 24.95
C2' UD1 G . 16.83 1.39 23.56
C3' UD1 G . 17.55 2.15 22.43
C4' UD1 G . 17.42 3.67 22.59
C5' UD1 G . 17.70 4.10 24.03
C6' UD1 G . 17.49 5.58 24.28
C7' UD1 G . 16.21 -0.93 23.38
C8' UD1 G . 16.02 -1.42 21.97
N2' UD1 G . 17.16 -0.02 23.53
O1' UD1 G . 18.48 1.67 25.34
O3' UD1 G . 16.99 1.76 21.16
O4' UD1 G . 18.31 4.34 21.68
O5' UD1 G . 16.87 3.36 24.95
O6' UD1 G . 18.18 5.93 25.50
O7' UD1 G . 15.53 -1.32 24.32
N1 UD1 G . 14.47 -5.05 28.13
C2 UD1 G . 14.14 -6.27 28.78
N3 UD1 G . 14.99 -7.30 28.74
C4 UD1 G . 16.17 -7.21 28.11
C5 UD1 G . 16.54 -6.03 27.46
C6 UD1 G . 15.66 -4.95 27.50
O2 UD1 G . 13.04 -6.40 29.39
O4 UD1 G . 16.95 -8.19 28.08
C1B UD1 G . 13.57 -3.89 28.20
C2B UD1 G . 13.58 -3.46 29.66
O2' UD1 G . 12.32 -2.88 30.03
C3B UD1 G . 14.74 -2.47 29.70
C4B UD1 G . 14.58 -1.76 28.37
O4B UD1 G . 14.07 -2.76 27.46
O3B UD1 G . 14.75 -1.61 30.84
C5B UD1 G . 15.89 -1.17 27.85
O5B UD1 G . 16.84 -2.21 27.62
PA UD1 G . 18.38 -1.86 27.42
O1A UD1 G . 19.02 -3.03 26.74
O2A UD1 G . 18.92 -1.36 28.74
O3A UD1 G . 18.34 -0.63 26.36
PB UD1 G . 18.77 0.88 26.72
O1B UD1 G . 17.82 1.40 27.78
O2B UD1 G . 20.27 0.94 26.96
#